data_1S4P
#
_entry.id   1S4P
#
_cell.length_a   60.694
_cell.length_b   101.068
_cell.length_c   62.036
_cell.angle_alpha   90.00
_cell.angle_beta   98.81
_cell.angle_gamma   90.00
#
_symmetry.space_group_name_H-M   'P 1 21 1'
#
loop_
_entity.id
_entity.type
_entity.pdbx_description
1 polymer 'Glycolipid 2-alpha-mannosyltransferase'
2 branched alpha-D-mannopyranose-(1-2)-alpha-D-mannopyranose-(1-3)-[alpha-D-mannopyranose-(1-3)-[alpha-D-mannopyranose-(1-6)]alpha-D-mannopyranose-(1-6)]beta-D-mannopyranose-(1-4)-2-acetamido-2-deoxy-beta-D-glucopyranose-(1-4)-2-acetamido-2-deoxy-beta-D-glucopyranose
3 branched 2-acetamido-2-deoxy-beta-D-glucopyranose-(1-4)-2-acetamido-2-deoxy-beta-D-glucopyranose
4 non-polymer 'methyl alpha-D-mannopyranoside'
5 non-polymer 'MANGANESE (II) ION'
6 non-polymer 'CHLORIDE ION'
7 non-polymer "GUANOSINE-5'-DIPHOSPHATE"
8 non-polymer '4-(2-HYDROXYETHYL)-1-PIPERAZINE ETHANESULFONIC ACID'
9 water water
#
_entity_poly.entity_id   1
_entity_poly.type   'polypeptide(L)'
_entity_poly.pdbx_seq_one_letter_code
;EFADAPIDTKTTMDYITPSFANKAGKPKACYVTLVRNKELKGLLSSIKYVENKINKKFPYPWVFLNDEPFTEEFKEAVTK
AVSSEVKFGILPKEHWSYPEWINQTKAAEIRADAATKYIYGGSESYRHMCRYQSGFFWRHELLEEYDWYWRVEPDIKLYC
DINYDVFKWMQENEKVYGFTVSIHEYEVTIPTLWQTSMDFIKKNPEYLDENNLMSFLSNDNGKTYNLCHFWSNFEIANLN
LWRSPAYREYFDTLDHQGGFFYERWGDAPVHSIAAALFLPKDKIHYFSDIGYHHPPYDNCPLDKEVYNSNNCECDQGNDF
TFQGYSCGKEYYDAQGLVKPKNWKKFRE
;
_entity_poly.pdbx_strand_id   A,B
#
loop_
_chem_comp.id
_chem_comp.type
_chem_comp.name
_chem_comp.formula
BMA D-saccharide, beta linking beta-D-mannopyranose 'C6 H12 O6'
CL non-polymer 'CHLORIDE ION' 'Cl -1'
EPE non-polymer '4-(2-HYDROXYETHYL)-1-PIPERAZINE ETHANESULFONIC ACID' 'C8 H18 N2 O4 S'
GDP RNA linking GUANOSINE-5'-DIPHOSPHATE 'C10 H15 N5 O11 P2'
MAN D-saccharide, alpha linking alpha-D-mannopyranose 'C6 H12 O6'
MMA D-saccharide 'methyl alpha-D-mannopyranoside' 'C7 H14 O6'
MN non-polymer 'MANGANESE (II) ION' 'Mn 2'
NAG D-saccharide, beta linking 2-acetamido-2-deoxy-beta-D-glucopyranose 'C8 H15 N O6'
#
# COMPACT_ATOMS: atom_id res chain seq x y z
N LYS A 10 2.21 20.12 -38.18
CA LYS A 10 2.36 20.38 -36.71
C LYS A 10 1.90 19.21 -35.85
N THR A 11 2.86 18.52 -35.23
CA THR A 11 2.55 17.37 -34.40
C THR A 11 2.63 17.66 -32.90
N THR A 12 2.46 16.60 -32.10
CA THR A 12 2.48 16.76 -30.65
C THR A 12 3.74 17.45 -30.13
N MET A 13 4.90 16.96 -30.52
CA MET A 13 6.15 17.57 -30.05
C MET A 13 6.22 19.06 -30.37
N ASP A 14 5.65 19.47 -31.50
CA ASP A 14 5.65 20.88 -31.88
C ASP A 14 5.04 21.76 -30.82
N TYR A 15 4.15 21.19 -30.02
CA TYR A 15 3.50 21.94 -28.94
C TYR A 15 4.35 21.98 -27.68
N ILE A 16 5.35 21.10 -27.64
CA ILE A 16 6.22 20.99 -26.49
C ILE A 16 7.60 21.64 -26.68
N THR A 17 8.18 21.47 -27.86
CA THR A 17 9.51 22.01 -28.15
C THR A 17 9.71 23.49 -27.83
N PRO A 18 8.69 24.34 -28.05
CA PRO A 18 8.95 25.74 -27.71
C PRO A 18 9.42 25.96 -26.26
N SER A 19 8.84 25.23 -25.29
CA SER A 19 9.24 25.38 -23.89
C SER A 19 10.60 24.76 -23.57
N PHE A 20 11.24 24.19 -24.58
CA PHE A 20 12.56 23.58 -24.44
C PHE A 20 13.65 24.60 -24.70
N GLY A 25 16.63 31.55 -19.10
CA GLY A 25 15.85 31.85 -17.86
C GLY A 25 15.45 30.59 -17.12
N LYS A 26 15.01 30.74 -15.87
CA LYS A 26 14.58 29.60 -15.06
C LYS A 26 13.29 29.05 -15.69
N PRO A 27 13.12 27.72 -15.67
CA PRO A 27 11.89 27.20 -16.27
C PRO A 27 10.65 27.54 -15.45
N LYS A 28 9.53 27.75 -16.14
CA LYS A 28 8.26 28.06 -15.48
C LYS A 28 7.70 26.78 -14.90
N ALA A 29 7.80 26.61 -13.57
CA ALA A 29 7.33 25.38 -12.95
C ALA A 29 6.75 25.53 -11.57
N CYS A 30 6.01 24.51 -11.15
CA CYS A 30 5.41 24.50 -9.83
C CYS A 30 5.25 23.08 -9.31
N TYR A 31 4.99 22.98 -8.01
CA TYR A 31 4.66 21.70 -7.40
C TYR A 31 3.15 21.84 -7.46
N VAL A 32 2.41 20.75 -7.62
CA VAL A 32 0.95 20.85 -7.62
C VAL A 32 0.42 19.74 -6.73
N THR A 33 -0.47 20.12 -5.82
CA THR A 33 -1.04 19.18 -4.89
C THR A 33 -2.56 19.29 -4.74
N LEU A 34 -3.29 18.28 -5.19
CA LEU A 34 -4.74 18.22 -5.00
C LEU A 34 -4.85 17.48 -3.65
N VAL A 35 -5.59 18.04 -2.69
CA VAL A 35 -5.67 17.44 -1.35
C VAL A 35 -6.91 17.88 -0.55
N ARG A 36 -7.29 17.07 0.45
CA ARG A 36 -8.45 17.35 1.31
C ARG A 36 -8.04 18.08 2.60
N ASN A 37 -9.00 18.79 3.22
CA ASN A 37 -8.69 19.52 4.45
C ASN A 37 -8.33 18.58 5.56
N LYS A 38 -8.95 17.40 5.56
CA LYS A 38 -8.71 16.43 6.63
C LYS A 38 -7.42 15.63 6.51
N GLU A 39 -6.55 16.02 5.57
CA GLU A 39 -5.30 15.31 5.36
C GLU A 39 -4.12 16.23 5.67
N LEU A 40 -4.39 17.29 6.41
CA LEU A 40 -3.35 18.26 6.78
C LEU A 40 -2.08 17.66 7.38
N LYS A 41 -2.21 16.78 8.38
CA LYS A 41 -1.01 16.23 8.98
C LYS A 41 -0.17 15.45 7.97
N GLY A 42 -0.81 14.62 7.15
CA GLY A 42 -0.06 13.88 6.16
C GLY A 42 0.57 14.80 5.13
N LEU A 43 -0.10 15.91 4.81
CA LEU A 43 0.42 16.88 3.84
C LEU A 43 1.61 17.64 4.40
N LEU A 44 1.53 18.00 5.68
CA LEU A 44 2.60 18.75 6.33
C LEU A 44 3.83 17.87 6.34
N SER A 45 3.65 16.57 6.57
CA SER A 45 4.79 15.66 6.54
C SER A 45 5.41 15.65 5.12
N SER A 46 4.59 15.53 4.09
CA SER A 46 5.15 15.53 2.73
C SER A 46 5.91 16.84 2.45
N ILE A 47 5.37 17.95 2.94
CA ILE A 47 5.99 19.25 2.69
C ILE A 47 7.37 19.32 3.32
N LYS A 48 7.50 18.74 4.51
CA LYS A 48 8.76 18.73 5.24
C LYS A 48 9.82 18.02 4.39
N TYR A 49 9.40 16.94 3.74
CA TYR A 49 10.33 16.20 2.90
C TYR A 49 10.73 17.00 1.68
N VAL A 50 9.77 17.58 0.97
CA VAL A 50 10.09 18.35 -0.23
C VAL A 50 10.98 19.56 0.14
N GLU A 51 10.67 20.21 1.26
CA GLU A 51 11.46 21.35 1.73
C GLU A 51 12.91 20.98 2.00
N ASN A 52 13.12 19.98 2.87
CA ASN A 52 14.47 19.57 3.23
C ASN A 52 15.26 18.89 2.11
N LYS A 53 14.59 18.18 1.21
CA LYS A 53 15.32 17.51 0.14
C LYS A 53 15.62 18.31 -1.13
N ILE A 54 14.83 19.34 -1.45
CA ILE A 54 15.08 20.12 -2.66
C ILE A 54 14.55 21.55 -2.72
N ASN A 55 13.36 21.78 -2.19
CA ASN A 55 12.79 23.10 -2.27
C ASN A 55 13.55 24.25 -1.62
N LYS A 56 14.28 23.97 -0.55
CA LYS A 56 15.09 25.01 0.11
C LYS A 56 16.21 25.39 -0.88
N LYS A 57 16.74 24.40 -1.59
CA LYS A 57 17.83 24.64 -2.53
C LYS A 57 17.41 25.25 -3.86
N PHE A 58 16.32 24.72 -4.44
CA PHE A 58 15.82 25.21 -5.72
C PHE A 58 14.35 25.54 -5.57
N PRO A 59 14.04 26.69 -4.97
CA PRO A 59 12.66 27.13 -4.77
C PRO A 59 11.79 27.28 -5.98
N TYR A 60 10.59 26.71 -5.87
CA TYR A 60 9.60 26.79 -6.92
C TYR A 60 8.26 26.94 -6.22
N PRO A 61 7.35 27.76 -6.79
CA PRO A 61 6.02 28.01 -6.22
C PRO A 61 5.26 26.70 -6.08
N TRP A 62 4.40 26.64 -5.06
CA TRP A 62 3.63 25.42 -4.79
C TRP A 62 2.12 25.64 -4.90
N VAL A 63 1.46 24.88 -5.76
CA VAL A 63 0.02 25.01 -5.95
C VAL A 63 -0.82 23.93 -5.25
N PHE A 64 -1.74 24.38 -4.39
CA PHE A 64 -2.64 23.50 -3.64
C PHE A 64 -4.09 23.63 -4.13
N LEU A 65 -4.68 22.51 -4.55
CA LEU A 65 -6.04 22.45 -5.08
C LEU A 65 -6.94 21.57 -4.21
N ASN A 66 -8.21 21.93 -4.16
CA ASN A 66 -9.18 21.19 -3.35
C ASN A 66 -10.56 21.36 -3.99
N ASP A 67 -11.36 20.29 -4.04
CA ASP A 67 -12.69 20.41 -4.64
C ASP A 67 -13.60 21.24 -3.73
N GLU A 68 -13.21 21.39 -2.47
CA GLU A 68 -13.93 22.22 -1.52
C GLU A 68 -12.97 23.31 -1.04
N PRO A 69 -13.48 24.39 -0.45
CA PRO A 69 -12.55 25.42 0.01
C PRO A 69 -11.68 24.99 1.18
N PHE A 70 -10.43 25.45 1.16
CA PHE A 70 -9.46 25.17 2.20
C PHE A 70 -9.84 25.96 3.44
N THR A 71 -9.62 25.40 4.63
CA THR A 71 -9.93 26.11 5.87
C THR A 71 -8.76 27.04 6.19
N GLU A 72 -9.00 28.03 7.04
CA GLU A 72 -7.93 28.94 7.41
C GLU A 72 -6.86 28.15 8.11
N GLU A 73 -7.26 27.23 8.98
CA GLU A 73 -6.30 26.42 9.69
C GLU A 73 -5.39 25.71 8.70
N PHE A 74 -5.97 25.14 7.66
CA PHE A 74 -5.19 24.44 6.64
C PHE A 74 -4.21 25.41 5.95
N LYS A 75 -4.72 26.55 5.47
CA LYS A 75 -3.87 27.50 4.78
C LYS A 75 -2.76 28.07 5.66
N GLU A 76 -3.10 28.46 6.88
CA GLU A 76 -2.11 29.01 7.79
C GLU A 76 -1.01 27.98 8.05
N ALA A 77 -1.39 26.72 8.24
CA ALA A 77 -0.38 25.70 8.49
C ALA A 77 0.46 25.40 7.23
N VAL A 78 -0.15 25.47 6.06
CA VAL A 78 0.64 25.16 4.85
C VAL A 78 1.57 26.31 4.46
N THR A 79 1.08 27.54 4.57
CA THR A 79 1.88 28.71 4.23
C THR A 79 3.11 28.72 5.09
N LYS A 80 2.92 28.38 6.35
CA LYS A 80 4.02 28.35 7.29
C LYS A 80 5.04 27.24 6.96
N ALA A 81 4.57 26.06 6.57
CA ALA A 81 5.46 24.94 6.26
C ALA A 81 6.29 25.09 4.99
N VAL A 82 5.77 25.80 3.99
CA VAL A 82 6.47 25.97 2.72
C VAL A 82 7.35 27.25 2.70
N SER A 83 8.58 27.11 2.23
CA SER A 83 9.51 28.24 2.18
C SER A 83 9.36 29.09 0.93
N SER A 84 8.85 28.51 -0.16
CA SER A 84 8.65 29.24 -1.40
C SER A 84 7.20 29.77 -1.45
N GLU A 85 6.80 30.35 -2.57
CA GLU A 85 5.45 30.87 -2.66
C GLU A 85 4.44 29.75 -2.70
N VAL A 86 3.28 29.99 -2.10
CA VAL A 86 2.23 28.99 -2.11
C VAL A 86 1.00 29.64 -2.71
N LYS A 87 0.22 28.85 -3.43
CA LYS A 87 -0.99 29.36 -4.04
C LYS A 87 -2.10 28.35 -3.76
N PHE A 88 -3.27 28.82 -3.34
CA PHE A 88 -4.38 27.94 -3.02
C PHE A 88 -5.51 28.15 -4.01
N GLY A 89 -6.05 27.06 -4.54
CA GLY A 89 -7.15 27.19 -5.49
C GLY A 89 -8.25 26.17 -5.31
N ILE A 90 -9.47 26.55 -5.69
CA ILE A 90 -10.61 25.66 -5.62
C ILE A 90 -10.88 25.22 -7.06
N LEU A 91 -11.45 24.03 -7.21
CA LEU A 91 -11.74 23.46 -8.52
C LEU A 91 -13.04 23.94 -9.13
N PRO A 92 -13.05 24.23 -10.44
CA PRO A 92 -14.32 24.67 -11.03
C PRO A 92 -15.25 23.46 -10.90
N LYS A 93 -16.51 23.69 -10.58
CA LYS A 93 -17.44 22.57 -10.44
C LYS A 93 -17.59 21.68 -11.67
N GLU A 94 -17.29 22.20 -12.86
CA GLU A 94 -17.43 21.37 -14.05
C GLU A 94 -16.24 20.45 -14.22
N HIS A 95 -15.27 20.55 -13.32
CA HIS A 95 -14.10 19.67 -13.37
C HIS A 95 -14.23 18.69 -12.24
N TRP A 96 -15.41 18.64 -11.63
CA TRP A 96 -15.63 17.76 -10.50
C TRP A 96 -17.12 17.58 -10.30
N SER A 97 -17.74 16.91 -11.26
CA SER A 97 -19.17 16.63 -11.25
C SER A 97 -19.44 15.69 -12.43
N TYR A 98 -20.50 14.90 -12.34
CA TYR A 98 -20.83 13.98 -13.43
C TYR A 98 -21.16 14.71 -14.71
N PRO A 99 -20.67 14.21 -15.86
CA PRO A 99 -20.95 14.84 -17.15
C PRO A 99 -22.43 14.57 -17.41
N GLU A 100 -23.05 15.27 -18.33
CA GLU A 100 -24.46 15.03 -18.56
C GLU A 100 -24.72 13.68 -19.23
N TRP A 101 -23.71 13.14 -19.89
CA TRP A 101 -23.88 11.87 -20.59
C TRP A 101 -23.66 10.61 -19.71
N ILE A 102 -23.39 10.81 -18.43
CA ILE A 102 -23.18 9.69 -17.52
C ILE A 102 -24.47 9.36 -16.77
N ASN A 103 -24.83 8.08 -16.75
CA ASN A 103 -26.03 7.58 -16.07
C ASN A 103 -25.67 7.37 -14.59
N GLN A 104 -26.12 8.27 -13.72
CA GLN A 104 -25.75 8.21 -12.32
C GLN A 104 -26.33 7.05 -11.53
N THR A 105 -27.50 6.56 -11.96
CA THR A 105 -28.10 5.42 -11.30
C THR A 105 -27.20 4.21 -11.57
N LYS A 106 -26.70 4.16 -12.79
CA LYS A 106 -25.82 3.08 -13.21
C LYS A 106 -24.50 3.21 -12.48
N ALA A 107 -23.99 4.44 -12.39
CA ALA A 107 -22.74 4.63 -11.68
C ALA A 107 -22.92 4.21 -10.21
N ALA A 108 -24.08 4.51 -9.65
CA ALA A 108 -24.34 4.17 -8.25
C ALA A 108 -24.37 2.67 -8.03
N GLU A 109 -24.96 1.92 -8.96
CA GLU A 109 -25.02 0.47 -8.82
C GLU A 109 -23.61 -0.10 -8.88
N ILE A 110 -22.81 0.38 -9.82
CA ILE A 110 -21.43 -0.09 -9.95
C ILE A 110 -20.70 0.15 -8.62
N ARG A 111 -20.82 1.34 -8.06
CA ARG A 111 -20.17 1.64 -6.78
C ARG A 111 -20.61 0.67 -5.67
N ALA A 112 -21.92 0.52 -5.48
CA ALA A 112 -22.41 -0.37 -4.43
C ALA A 112 -21.91 -1.80 -4.61
N ASP A 113 -21.97 -2.30 -5.83
CA ASP A 113 -21.54 -3.65 -6.11
C ASP A 113 -20.04 -3.84 -5.91
N ALA A 114 -19.26 -2.80 -6.17
CA ALA A 114 -17.81 -2.91 -6.03
C ALA A 114 -17.25 -2.43 -4.69
N ALA A 115 -18.11 -1.94 -3.80
CA ALA A 115 -17.63 -1.43 -2.52
C ALA A 115 -16.55 -2.31 -1.88
N THR A 116 -16.78 -3.62 -1.89
CA THR A 116 -15.85 -4.55 -1.28
C THR A 116 -15.00 -5.35 -2.27
N LYS A 117 -15.15 -5.08 -3.57
CA LYS A 117 -14.43 -5.82 -4.63
C LYS A 117 -12.99 -5.35 -4.86
N TYR A 118 -12.75 -4.05 -4.79
CA TYR A 118 -11.39 -3.56 -4.97
C TYR A 118 -11.28 -2.22 -4.25
N ILE A 119 -10.04 -1.77 -4.03
CA ILE A 119 -9.81 -0.51 -3.33
C ILE A 119 -10.51 0.65 -4.04
N TYR A 120 -11.27 1.42 -3.23
CA TYR A 120 -12.04 2.56 -3.67
C TYR A 120 -13.17 2.12 -4.60
N GLY A 121 -13.42 0.83 -4.66
CA GLY A 121 -14.48 0.34 -5.53
C GLY A 121 -15.81 1.04 -5.33
N GLY A 122 -16.20 1.30 -4.10
CA GLY A 122 -17.49 1.94 -3.89
C GLY A 122 -17.40 3.44 -3.67
N SER A 123 -16.23 4.01 -3.92
CA SER A 123 -16.02 5.43 -3.69
C SER A 123 -16.41 6.36 -4.81
N GLU A 124 -17.32 7.29 -4.50
CA GLU A 124 -17.77 8.25 -5.48
C GLU A 124 -16.71 9.34 -5.63
N SER A 125 -16.21 9.84 -4.51
CA SER A 125 -15.22 10.90 -4.59
C SER A 125 -13.93 10.45 -5.29
N TYR A 126 -13.52 9.21 -5.10
CA TYR A 126 -12.29 8.76 -5.74
C TYR A 126 -12.32 8.84 -7.26
N ARG A 127 -13.48 8.55 -7.84
CA ARG A 127 -13.61 8.58 -9.30
C ARG A 127 -13.58 10.01 -9.83
N HIS A 128 -14.14 10.96 -9.08
CA HIS A 128 -14.09 12.34 -9.55
C HIS A 128 -12.62 12.73 -9.50
N MET A 129 -11.90 12.26 -8.48
CA MET A 129 -10.48 12.57 -8.35
C MET A 129 -9.68 12.03 -9.56
N CYS A 130 -9.97 10.80 -9.96
CA CYS A 130 -9.25 10.21 -11.09
C CYS A 130 -9.54 10.97 -12.39
N ARG A 131 -10.79 11.32 -12.61
CA ARG A 131 -11.13 12.06 -13.82
C ARG A 131 -10.43 13.41 -13.73
N TYR A 132 -10.36 13.97 -12.53
CA TYR A 132 -9.73 15.27 -12.37
C TYR A 132 -8.25 15.29 -12.74
N GLN A 133 -7.50 14.34 -12.20
CA GLN A 133 -6.09 14.26 -12.48
C GLN A 133 -5.86 13.92 -13.97
N SER A 134 -6.81 13.23 -14.58
CA SER A 134 -6.70 12.86 -15.98
C SER A 134 -6.91 14.01 -16.93
N GLY A 135 -7.99 14.76 -16.75
CA GLY A 135 -8.25 15.82 -17.70
C GLY A 135 -8.41 17.26 -17.27
N PHE A 136 -8.24 17.56 -15.99
CA PHE A 136 -8.44 18.95 -15.54
C PHE A 136 -7.40 19.70 -14.66
N PHE A 137 -6.51 19.02 -13.96
CA PHE A 137 -5.58 19.73 -13.10
C PHE A 137 -4.67 20.61 -13.94
N TRP A 138 -4.28 20.09 -15.10
CA TRP A 138 -3.37 20.78 -15.98
C TRP A 138 -3.95 21.99 -16.70
N ARG A 139 -5.23 22.27 -16.49
CA ARG A 139 -5.83 23.44 -17.09
C ARG A 139 -6.53 24.27 -16.03
N HIS A 140 -6.15 24.03 -14.78
CA HIS A 140 -6.70 24.83 -13.69
C HIS A 140 -6.05 26.19 -13.92
N GLU A 141 -6.79 27.28 -13.77
CA GLU A 141 -6.21 28.61 -14.01
C GLU A 141 -4.86 28.85 -13.33
N LEU A 142 -4.63 28.23 -12.18
CA LEU A 142 -3.38 28.44 -11.45
C LEU A 142 -2.13 27.82 -12.08
N LEU A 143 -2.34 26.93 -13.06
CA LEU A 143 -1.20 26.29 -13.70
C LEU A 143 -0.94 26.81 -15.12
N GLU A 144 -1.80 27.70 -15.58
CA GLU A 144 -1.69 28.27 -16.92
C GLU A 144 -0.34 28.82 -17.30
N GLU A 145 0.23 29.59 -16.39
CA GLU A 145 1.52 30.23 -16.59
C GLU A 145 2.72 29.30 -16.51
N TYR A 146 2.48 28.03 -16.21
CA TYR A 146 3.60 27.10 -16.10
C TYR A 146 3.77 26.16 -17.28
N ASP A 147 4.98 25.66 -17.44
CA ASP A 147 5.28 24.71 -18.49
C ASP A 147 5.49 23.35 -17.85
N TRP A 148 5.86 23.35 -16.57
CA TRP A 148 6.14 22.14 -15.83
C TRP A 148 5.48 22.08 -14.46
N TYR A 149 5.27 20.86 -13.98
CA TYR A 149 4.67 20.61 -12.66
C TYR A 149 5.27 19.37 -12.06
N TRP A 150 5.25 19.30 -10.73
CA TRP A 150 5.77 18.18 -9.95
C TRP A 150 4.64 17.81 -9.00
N ARG A 151 3.92 16.73 -9.32
CA ARG A 151 2.83 16.32 -8.44
C ARG A 151 3.32 15.75 -7.11
N VAL A 152 2.75 16.27 -6.03
CA VAL A 152 3.08 15.83 -4.68
C VAL A 152 1.81 15.49 -3.89
N GLU A 153 1.80 14.32 -3.26
CA GLU A 153 0.64 13.91 -2.46
C GLU A 153 0.98 13.87 -0.97
N PRO A 154 -0.04 13.83 -0.11
CA PRO A 154 0.31 13.75 1.31
C PRO A 154 0.86 12.34 1.63
N ASP A 155 1.48 12.20 2.80
CA ASP A 155 2.03 10.92 3.27
C ASP A 155 3.10 10.30 2.38
N ILE A 156 3.87 11.17 1.75
CA ILE A 156 4.96 10.83 0.85
C ILE A 156 6.30 11.01 1.53
N LYS A 157 7.32 10.35 1.01
CA LYS A 157 8.67 10.51 1.54
C LYS A 157 9.66 10.77 0.40
N LEU A 158 10.60 11.69 0.62
CA LEU A 158 11.68 11.90 -0.34
C LEU A 158 12.84 11.43 0.51
N TYR A 159 13.36 10.26 0.19
CA TYR A 159 14.44 9.67 0.96
C TYR A 159 15.82 10.28 0.81
N CYS A 160 16.09 10.91 -0.33
CA CYS A 160 17.43 11.47 -0.56
C CYS A 160 17.46 12.95 -0.90
N ASP A 161 18.66 13.54 -0.83
CA ASP A 161 18.84 14.93 -1.21
C ASP A 161 18.75 14.95 -2.74
N ILE A 162 18.27 16.04 -3.30
CA ILE A 162 18.21 16.21 -4.74
C ILE A 162 19.00 17.49 -4.88
N ASN A 163 20.23 17.34 -5.37
CA ASN A 163 21.14 18.46 -5.49
C ASN A 163 21.17 19.23 -6.78
N TYR A 164 20.14 19.07 -7.60
CA TYR A 164 20.05 19.82 -8.85
C TYR A 164 18.59 20.16 -9.09
N ASP A 165 18.38 21.21 -9.86
CA ASP A 165 17.06 21.68 -10.22
C ASP A 165 16.50 20.68 -11.25
N VAL A 166 15.55 19.83 -10.83
CA VAL A 166 14.98 18.83 -11.72
C VAL A 166 14.28 19.46 -12.93
N PHE A 167 13.54 20.54 -12.71
CA PHE A 167 12.83 21.22 -13.79
C PHE A 167 13.86 21.71 -14.81
N LYS A 168 14.89 22.39 -14.32
CA LYS A 168 15.95 22.90 -15.18
C LYS A 168 16.53 21.72 -15.97
N TRP A 169 16.74 20.60 -15.29
CA TRP A 169 17.29 19.41 -15.93
C TRP A 169 16.39 18.85 -17.03
N MET A 170 15.08 18.76 -16.77
CA MET A 170 14.13 18.26 -17.75
C MET A 170 14.19 19.15 -19.01
N GLN A 171 14.26 20.46 -18.77
CA GLN A 171 14.31 21.46 -19.84
C GLN A 171 15.57 21.34 -20.68
N GLU A 172 16.73 21.32 -20.03
CA GLU A 172 17.99 21.19 -20.74
C GLU A 172 18.12 19.91 -21.57
N ASN A 173 17.50 18.84 -21.10
CA ASN A 173 17.58 17.56 -21.76
C ASN A 173 16.36 17.20 -22.58
N GLU A 174 15.48 18.15 -22.78
CA GLU A 174 14.29 17.93 -23.59
C GLU A 174 13.46 16.71 -23.21
N LYS A 175 13.23 16.50 -21.91
CA LYS A 175 12.40 15.37 -21.49
C LYS A 175 10.99 15.92 -21.23
N VAL A 176 9.98 15.07 -21.42
CA VAL A 176 8.60 15.49 -21.25
C VAL A 176 7.91 14.89 -20.02
N TYR A 177 8.09 13.60 -19.79
CA TYR A 177 7.45 12.94 -18.66
C TYR A 177 8.47 12.28 -17.74
N GLY A 178 8.49 12.67 -16.47
CA GLY A 178 9.43 12.07 -15.53
C GLY A 178 8.73 11.29 -14.43
N PHE A 179 9.19 10.10 -14.10
CA PHE A 179 8.54 9.31 -13.05
C PHE A 179 9.52 8.54 -12.19
N THR A 180 8.98 7.86 -11.16
CA THR A 180 9.77 7.02 -10.30
C THR A 180 9.17 5.59 -10.27
N VAL A 181 8.07 5.38 -9.54
CA VAL A 181 7.46 4.04 -9.45
C VAL A 181 6.60 3.65 -10.67
N SER A 182 6.64 2.38 -11.02
CA SER A 182 5.80 1.87 -12.12
C SER A 182 5.17 0.57 -11.59
N ILE A 183 3.97 0.22 -12.03
CA ILE A 183 3.33 -0.98 -11.49
C ILE A 183 2.23 -1.50 -12.44
N HIS A 184 1.80 -2.73 -12.22
CA HIS A 184 0.73 -3.29 -13.05
C HIS A 184 -0.59 -2.89 -12.43
N GLU A 185 -1.51 -2.42 -13.25
CA GLU A 185 -2.82 -1.99 -12.74
C GLU A 185 -3.73 -3.17 -12.44
N TYR A 186 -4.68 -2.97 -11.54
CA TYR A 186 -5.65 -4.02 -11.24
C TYR A 186 -6.63 -3.92 -12.40
N GLU A 187 -6.60 -4.90 -13.29
CA GLU A 187 -7.47 -4.87 -14.46
C GLU A 187 -8.96 -4.70 -14.17
N VAL A 188 -9.43 -5.18 -13.02
CA VAL A 188 -10.84 -5.07 -12.65
C VAL A 188 -11.27 -3.59 -12.63
N THR A 189 -10.31 -2.67 -12.50
CA THR A 189 -10.65 -1.25 -12.49
C THR A 189 -10.58 -0.59 -13.86
N ILE A 190 -10.10 -1.33 -14.87
CA ILE A 190 -9.95 -0.76 -16.20
C ILE A 190 -10.24 -1.75 -17.35
N PRO A 191 -11.25 -2.65 -17.21
CA PRO A 191 -11.57 -3.62 -18.25
C PRO A 191 -11.59 -3.13 -19.67
N THR A 192 -12.22 -1.97 -19.93
CA THR A 192 -12.27 -1.50 -21.31
C THR A 192 -11.33 -0.34 -21.63
N LEU A 193 -10.43 0.02 -20.71
CA LEU A 193 -9.52 1.14 -21.00
C LEU A 193 -8.66 0.91 -22.25
N TRP A 194 -8.03 -0.25 -22.36
CA TRP A 194 -7.15 -0.51 -23.51
C TRP A 194 -7.87 -0.47 -24.86
N GLN A 195 -9.03 -1.13 -24.94
CA GLN A 195 -9.81 -1.15 -26.18
C GLN A 195 -10.21 0.25 -26.56
N THR A 196 -10.56 1.06 -25.57
CA THR A 196 -10.96 2.42 -25.86
C THR A 196 -9.77 3.18 -26.40
N SER A 197 -8.60 2.98 -25.81
CA SER A 197 -7.40 3.67 -26.27
C SER A 197 -6.94 3.19 -27.66
N MET A 198 -7.06 1.91 -27.94
CA MET A 198 -6.63 1.40 -29.24
C MET A 198 -7.52 1.89 -30.37
N ASP A 199 -8.81 2.05 -30.12
CA ASP A 199 -9.68 2.54 -31.17
C ASP A 199 -9.38 4.02 -31.46
N PHE A 200 -8.98 4.75 -30.42
CA PHE A 200 -8.66 6.16 -30.55
C PHE A 200 -7.51 6.36 -31.52
N ILE A 201 -6.49 5.52 -31.39
CA ILE A 201 -5.29 5.57 -32.23
C ILE A 201 -5.58 5.09 -33.67
N LYS A 202 -6.48 4.12 -33.83
CA LYS A 202 -6.84 3.63 -35.16
C LYS A 202 -7.53 4.77 -35.90
N LYS A 203 -8.28 5.55 -35.14
CA LYS A 203 -9.02 6.65 -35.67
C LYS A 203 -8.18 7.90 -35.84
N ASN A 204 -7.03 7.96 -35.15
CA ASN A 204 -6.15 9.12 -35.21
C ASN A 204 -4.69 8.68 -35.32
N PRO A 205 -4.32 7.97 -36.40
CA PRO A 205 -2.94 7.49 -36.61
C PRO A 205 -1.85 8.55 -36.48
N GLU A 206 -2.20 9.79 -36.76
CA GLU A 206 -1.24 10.88 -36.66
C GLU A 206 -0.72 11.11 -35.24
N TYR A 207 -1.50 10.69 -34.24
CA TYR A 207 -1.10 10.86 -32.84
C TYR A 207 -0.19 9.78 -32.27
N LEU A 208 -0.06 8.69 -33.01
CA LEU A 208 0.78 7.59 -32.58
C LEU A 208 2.19 7.87 -33.10
N ASP A 209 3.07 8.31 -32.21
CA ASP A 209 4.43 8.61 -32.62
C ASP A 209 5.13 7.35 -33.13
N GLU A 210 5.88 7.49 -34.21
CA GLU A 210 6.55 6.33 -34.80
C GLU A 210 7.66 5.70 -33.95
N ASN A 211 8.08 6.39 -32.89
CA ASN A 211 9.11 5.84 -31.99
C ASN A 211 8.59 5.79 -30.56
N ASN A 212 7.31 5.45 -30.41
CA ASN A 212 6.61 5.38 -29.13
C ASN A 212 7.13 4.25 -28.20
N LEU A 213 6.68 4.27 -26.94
CA LEU A 213 7.09 3.27 -25.95
C LEU A 213 6.00 2.19 -25.82
N MET A 214 5.46 1.74 -26.94
CA MET A 214 4.42 0.72 -26.88
C MET A 214 4.85 -0.55 -26.16
N SER A 215 6.11 -0.95 -26.31
CA SER A 215 6.58 -2.19 -25.68
C SER A 215 6.53 -2.19 -24.15
N PHE A 216 6.40 -0.99 -23.56
CA PHE A 216 6.30 -0.86 -22.11
C PHE A 216 4.87 -1.26 -21.72
N LEU A 217 3.94 -0.89 -22.59
CA LEU A 217 2.51 -1.15 -22.40
C LEU A 217 2.01 -2.49 -22.91
N SER A 218 2.70 -3.03 -23.91
CA SER A 218 2.26 -4.27 -24.48
C SER A 218 3.39 -5.21 -24.87
N ASN A 219 3.13 -6.49 -24.65
CA ASN A 219 4.04 -7.58 -24.95
C ASN A 219 3.68 -8.18 -26.32
N ASP A 220 2.53 -7.79 -26.88
CA ASP A 220 2.12 -8.33 -28.19
C ASP A 220 1.83 -7.28 -29.28
N ASN A 221 2.70 -6.28 -29.34
CA ASN A 221 2.56 -5.22 -30.33
C ASN A 221 1.23 -4.48 -30.30
N GLY A 222 0.68 -4.29 -29.11
CA GLY A 222 -0.57 -3.56 -28.96
C GLY A 222 -1.85 -4.34 -28.86
N LYS A 223 -1.85 -5.64 -29.18
CA LYS A 223 -3.08 -6.42 -29.11
C LYS A 223 -3.72 -6.35 -27.72
N THR A 224 -2.90 -6.54 -26.69
CA THR A 224 -3.40 -6.47 -25.31
C THR A 224 -2.49 -5.57 -24.46
N TYR A 225 -3.05 -5.09 -23.36
CA TYR A 225 -2.35 -4.24 -22.42
C TYR A 225 -1.76 -5.11 -21.31
N ASN A 226 -0.49 -4.93 -20.99
CA ASN A 226 0.09 -5.73 -19.93
C ASN A 226 -0.26 -5.12 -18.56
N LEU A 227 -0.95 -3.97 -18.57
CA LEU A 227 -1.41 -3.27 -17.36
C LEU A 227 -0.32 -2.39 -16.73
N CYS A 228 0.82 -2.30 -17.40
CA CYS A 228 1.89 -1.46 -16.88
C CYS A 228 1.59 0.02 -17.01
N HIS A 229 1.94 0.78 -15.98
CA HIS A 229 1.74 2.21 -16.06
C HIS A 229 2.67 2.84 -15.06
N PHE A 230 2.85 4.15 -15.18
CA PHE A 230 3.70 4.88 -14.26
C PHE A 230 2.82 5.33 -13.10
N TRP A 231 3.37 5.29 -11.88
CA TRP A 231 2.60 5.72 -10.72
C TRP A 231 2.49 7.23 -10.75
N SER A 232 1.29 7.73 -11.00
CA SER A 232 1.09 9.16 -11.12
C SER A 232 1.18 10.03 -9.87
N ASN A 233 1.26 9.44 -8.67
CA ASN A 233 1.37 10.27 -7.48
C ASN A 233 2.70 11.01 -7.57
N PHE A 234 3.62 10.44 -8.35
CA PHE A 234 4.90 11.09 -8.58
C PHE A 234 5.05 11.34 -10.06
N GLU A 235 4.93 12.62 -10.43
CA GLU A 235 5.10 13.02 -11.83
C GLU A 235 5.80 14.36 -11.90
N ILE A 236 6.84 14.44 -12.74
CA ILE A 236 7.51 15.71 -13.00
C ILE A 236 7.34 15.69 -14.51
N ALA A 237 6.48 16.57 -15.02
CA ALA A 237 6.19 16.55 -16.44
C ALA A 237 5.93 17.89 -17.08
N ASN A 238 5.93 17.88 -18.41
CA ASN A 238 5.67 19.08 -19.18
C ASN A 238 4.17 19.21 -19.43
N LEU A 239 3.59 20.27 -18.88
CA LEU A 239 2.16 20.50 -19.04
C LEU A 239 1.71 20.53 -20.50
N ASN A 240 2.59 20.93 -21.42
CA ASN A 240 2.22 21.01 -22.82
C ASN A 240 1.86 19.69 -23.50
N LEU A 241 2.16 18.59 -22.84
CA LEU A 241 1.79 17.29 -23.36
C LEU A 241 0.26 17.17 -23.15
N TRP A 242 -0.20 17.44 -21.93
CA TRP A 242 -1.63 17.31 -21.60
C TRP A 242 -2.44 18.35 -22.36
N ARG A 243 -1.81 19.48 -22.69
CA ARG A 243 -2.49 20.53 -23.44
C ARG A 243 -2.50 20.31 -24.96
N SER A 244 -1.72 19.34 -25.45
CA SER A 244 -1.64 19.03 -26.87
C SER A 244 -2.94 18.50 -27.46
N PRO A 245 -3.17 18.68 -28.77
CA PRO A 245 -4.42 18.15 -29.32
C PRO A 245 -4.56 16.67 -29.08
N ALA A 246 -3.48 15.94 -29.27
CA ALA A 246 -3.52 14.51 -29.07
C ALA A 246 -4.10 14.15 -27.70
N TYR A 247 -3.56 14.74 -26.64
CA TYR A 247 -4.05 14.36 -25.33
C TYR A 247 -5.45 14.85 -25.05
N ARG A 248 -5.74 16.09 -25.44
CA ARG A 248 -7.07 16.65 -25.22
C ARG A 248 -8.10 15.74 -25.86
N GLU A 249 -7.88 15.37 -27.12
CA GLU A 249 -8.81 14.48 -27.83
C GLU A 249 -8.91 13.10 -27.18
N TYR A 250 -7.78 12.55 -26.75
CA TYR A 250 -7.75 11.25 -26.06
C TYR A 250 -8.59 11.30 -24.76
N PHE A 251 -8.38 12.33 -23.93
CA PHE A 251 -9.15 12.45 -22.70
C PHE A 251 -10.62 12.56 -23.02
N ASP A 252 -10.96 13.44 -23.96
N ASP A 252 -10.97 13.43 -23.96
CA ASP A 252 -12.37 13.63 -24.32
CA ASP A 252 -12.37 13.62 -24.34
C ASP A 252 -12.99 12.29 -24.74
C ASP A 252 -12.98 12.29 -24.73
N THR A 253 -12.22 11.47 -25.45
CA THR A 253 -12.71 10.17 -25.87
C THR A 253 -12.97 9.32 -24.63
N LEU A 254 -12.02 9.29 -23.69
CA LEU A 254 -12.19 8.49 -22.47
C LEU A 254 -13.37 9.02 -21.66
N ASP A 255 -13.47 10.33 -21.56
CA ASP A 255 -14.55 10.94 -20.81
C ASP A 255 -15.92 10.53 -21.37
N HIS A 256 -16.03 10.48 -22.68
CA HIS A 256 -17.30 10.08 -23.28
C HIS A 256 -17.59 8.60 -23.20
N GLN A 257 -16.55 7.77 -23.12
CA GLN A 257 -16.74 6.33 -23.02
C GLN A 257 -17.42 6.02 -21.68
N GLY A 258 -16.99 6.71 -20.63
CA GLY A 258 -17.62 6.51 -19.33
C GLY A 258 -16.83 5.77 -18.27
N GLY A 259 -15.70 5.17 -18.68
CA GLY A 259 -14.86 4.41 -17.77
C GLY A 259 -14.51 5.03 -16.42
N PHE A 260 -14.36 6.35 -16.34
CA PHE A 260 -14.04 6.93 -15.04
C PHE A 260 -15.17 6.63 -14.03
N PHE A 261 -16.38 6.41 -14.51
CA PHE A 261 -17.51 6.17 -13.61
C PHE A 261 -18.12 4.76 -13.68
N TYR A 262 -18.17 4.14 -14.86
CA TYR A 262 -18.74 2.81 -14.95
C TYR A 262 -17.72 1.72 -14.57
N GLU A 263 -16.46 2.10 -14.44
CA GLU A 263 -15.39 1.21 -14.02
C GLU A 263 -14.70 2.07 -12.95
N ARG A 264 -13.37 2.10 -12.92
CA ARG A 264 -12.68 2.95 -11.94
C ARG A 264 -11.33 3.35 -12.51
N TRP A 265 -11.35 3.92 -13.71
CA TRP A 265 -10.12 4.36 -14.39
C TRP A 265 -9.30 5.36 -13.59
N GLY A 266 -8.07 5.00 -13.26
CA GLY A 266 -7.22 5.95 -12.53
C GLY A 266 -6.52 6.86 -13.52
N ASP A 267 -6.03 7.99 -13.04
CA ASP A 267 -5.31 8.85 -13.96
C ASP A 267 -3.94 8.24 -14.27
N ALA A 268 -3.44 7.35 -13.41
CA ALA A 268 -2.11 6.78 -13.66
C ALA A 268 -2.07 6.02 -14.98
N PRO A 269 -2.92 5.00 -15.17
CA PRO A 269 -2.86 4.31 -16.46
C PRO A 269 -3.19 5.20 -17.66
N VAL A 270 -4.07 6.18 -17.45
CA VAL A 270 -4.45 7.10 -18.52
C VAL A 270 -3.26 7.97 -18.99
N HIS A 271 -2.60 8.63 -18.04
CA HIS A 271 -1.42 9.47 -18.32
C HIS A 271 -0.31 8.67 -19.00
N SER A 272 -0.13 7.45 -18.55
CA SER A 272 0.93 6.61 -19.09
C SER A 272 0.69 6.14 -20.50
N ILE A 273 -0.52 5.67 -20.78
CA ILE A 273 -0.87 5.20 -22.13
C ILE A 273 -0.64 6.35 -23.10
N ALA A 274 -1.03 7.55 -22.69
CA ALA A 274 -0.87 8.73 -23.54
C ALA A 274 0.61 9.07 -23.72
N ALA A 275 1.38 9.05 -22.64
CA ALA A 275 2.80 9.39 -22.78
C ALA A 275 3.54 8.36 -23.64
N ALA A 276 3.35 7.08 -23.31
CA ALA A 276 4.00 6.00 -24.03
C ALA A 276 3.59 5.85 -25.49
N LEU A 277 2.44 6.40 -25.88
CA LEU A 277 2.00 6.26 -27.27
C LEU A 277 2.13 7.52 -28.11
N PHE A 278 1.89 8.67 -27.47
CA PHE A 278 1.92 9.94 -28.18
C PHE A 278 3.29 10.60 -28.34
N LEU A 279 4.29 10.11 -27.61
CA LEU A 279 5.61 10.71 -27.70
C LEU A 279 6.74 9.81 -28.15
N PRO A 280 7.83 10.43 -28.65
CA PRO A 280 8.99 9.63 -29.05
C PRO A 280 9.37 9.07 -27.68
N LYS A 281 9.73 7.80 -27.57
CA LYS A 281 10.03 7.24 -26.25
C LYS A 281 11.18 7.89 -25.49
N ASP A 282 12.01 8.68 -26.17
CA ASP A 282 13.13 9.29 -25.46
C ASP A 282 12.76 10.61 -24.77
N LYS A 283 11.46 10.90 -24.75
CA LYS A 283 10.97 12.08 -24.07
C LYS A 283 10.50 11.68 -22.67
N ILE A 284 10.56 10.37 -22.38
CA ILE A 284 10.15 9.83 -21.07
C ILE A 284 11.41 9.50 -20.29
N HIS A 285 11.42 9.87 -19.01
CA HIS A 285 12.59 9.66 -18.17
C HIS A 285 12.28 9.06 -16.80
N TYR A 286 13.07 8.06 -16.42
CA TYR A 286 12.96 7.42 -15.13
C TYR A 286 13.97 8.03 -14.17
N PHE A 287 13.52 8.64 -13.07
CA PHE A 287 14.45 9.21 -12.09
C PHE A 287 14.99 8.16 -11.13
N SER A 288 15.95 7.35 -11.61
CA SER A 288 16.57 6.30 -10.81
C SER A 288 17.30 6.88 -9.59
N ASP A 289 17.56 8.18 -9.61
CA ASP A 289 18.28 8.86 -8.55
C ASP A 289 17.42 9.53 -7.47
N ILE A 290 16.11 9.62 -7.69
CA ILE A 290 15.22 10.23 -6.70
C ILE A 290 14.57 9.23 -5.74
N GLY A 291 15.02 9.22 -4.50
CA GLY A 291 14.45 8.33 -3.49
C GLY A 291 13.04 8.82 -3.20
N TYR A 292 12.07 7.93 -3.21
CA TYR A 292 10.68 8.32 -3.02
C TYR A 292 9.81 7.18 -2.51
N HIS A 293 8.81 7.54 -1.71
CA HIS A 293 7.89 6.57 -1.17
C HIS A 293 6.47 7.12 -1.17
N HIS A 294 5.55 6.33 -1.71
CA HIS A 294 4.14 6.66 -1.66
C HIS A 294 3.65 5.31 -1.15
N PRO A 295 2.93 5.27 -0.02
CA PRO A 295 2.52 3.94 0.45
C PRO A 295 1.84 3.08 -0.64
N PRO A 296 2.23 1.79 -0.73
CA PRO A 296 3.23 1.09 0.08
C PRO A 296 4.56 0.80 -0.64
N TYR A 297 4.88 1.55 -1.70
CA TYR A 297 6.10 1.28 -2.47
C TYR A 297 7.19 2.36 -2.53
N ASP A 298 8.43 1.90 -2.63
CA ASP A 298 9.59 2.78 -2.69
C ASP A 298 10.32 2.74 -4.03
N ASN A 299 10.98 3.85 -4.31
CA ASN A 299 11.90 3.97 -5.42
C ASN A 299 13.15 4.37 -4.62
N CYS A 300 14.10 3.46 -4.50
CA CYS A 300 15.32 3.74 -3.73
C CYS A 300 16.53 3.56 -4.65
N PRO A 301 17.32 4.63 -4.85
CA PRO A 301 18.50 4.55 -5.71
C PRO A 301 19.36 3.34 -5.41
N LEU A 302 19.56 2.54 -6.46
CA LEU A 302 20.36 1.34 -6.36
C LEU A 302 21.84 1.66 -6.56
N ASP A 303 22.11 2.73 -7.30
CA ASP A 303 23.51 3.13 -7.54
C ASP A 303 24.10 3.65 -6.21
N LYS A 304 25.04 2.88 -5.66
CA LYS A 304 25.68 3.20 -4.38
C LYS A 304 26.23 4.61 -4.21
N GLU A 305 26.84 5.15 -5.26
CA GLU A 305 27.39 6.50 -5.19
C GLU A 305 26.29 7.54 -5.11
N VAL A 306 25.21 7.33 -5.88
CA VAL A 306 24.09 8.27 -5.85
C VAL A 306 23.41 8.14 -4.50
N TYR A 307 23.29 6.90 -4.04
CA TYR A 307 22.65 6.64 -2.76
C TYR A 307 23.38 7.31 -1.59
N ASN A 308 24.70 7.24 -1.60
CA ASN A 308 25.50 7.84 -0.53
C ASN A 308 25.76 9.34 -0.63
N SER A 309 25.99 9.84 -1.85
CA SER A 309 26.26 11.27 -2.04
C SER A 309 25.06 12.09 -1.68
N ASN A 310 23.89 11.48 -1.84
CA ASN A 310 22.63 12.15 -1.58
C ASN A 310 21.99 11.74 -0.26
N ASN A 311 22.78 11.07 0.58
CA ASN A 311 22.37 10.65 1.92
C ASN A 311 20.98 10.02 1.98
N CYS A 312 20.72 9.08 1.09
CA CYS A 312 19.43 8.43 1.08
C CYS A 312 19.08 7.79 2.42
N GLU A 313 17.80 7.86 2.77
CA GLU A 313 17.31 7.32 4.03
C GLU A 313 16.47 6.04 3.84
N CYS A 314 16.41 5.53 2.61
CA CYS A 314 15.64 4.31 2.34
C CYS A 314 16.51 3.06 2.39
N ASP A 315 15.87 1.89 2.48
CA ASP A 315 16.61 0.62 2.49
C ASP A 315 16.63 0.20 1.02
N GLN A 316 17.81 0.19 0.39
CA GLN A 316 17.88 -0.22 -1.03
C GLN A 316 17.24 -1.56 -1.24
N GLY A 317 17.22 -2.37 -0.19
CA GLY A 317 16.64 -3.70 -0.27
C GLY A 317 15.15 -3.77 -0.48
N ASN A 318 14.46 -2.65 -0.31
CA ASN A 318 13.02 -2.63 -0.51
C ASN A 318 12.65 -1.80 -1.73
N ASP A 319 13.64 -1.46 -2.57
CA ASP A 319 13.38 -0.72 -3.81
C ASP A 319 12.34 -1.58 -4.55
N PHE A 320 11.33 -0.95 -5.14
CA PHE A 320 10.27 -1.68 -5.82
C PHE A 320 10.54 -1.87 -7.29
N THR A 321 11.28 -0.94 -7.88
CA THR A 321 11.58 -0.93 -9.31
C THR A 321 11.65 -2.29 -10.02
N PHE A 322 12.45 -3.22 -9.52
CA PHE A 322 12.56 -4.51 -10.20
C PHE A 322 11.78 -5.69 -9.68
N GLN A 323 10.90 -5.47 -8.70
CA GLN A 323 10.07 -6.57 -8.22
C GLN A 323 9.10 -6.97 -9.35
N GLY A 324 8.61 -8.20 -9.32
CA GLY A 324 7.73 -8.69 -10.38
C GLY A 324 6.51 -7.85 -10.69
N TYR A 325 5.82 -7.42 -9.64
CA TYR A 325 4.61 -6.63 -9.79
C TYR A 325 4.86 -5.17 -10.20
N SER A 326 6.12 -4.74 -10.14
CA SER A 326 6.51 -3.41 -10.58
C SER A 326 6.69 -3.52 -12.10
N CYS A 327 6.88 -2.41 -12.81
CA CYS A 327 7.10 -2.46 -14.26
C CYS A 327 8.47 -1.90 -14.64
N GLY A 328 9.37 -1.90 -13.67
CA GLY A 328 10.72 -1.41 -13.91
C GLY A 328 11.45 -2.25 -14.97
N LYS A 329 11.34 -3.58 -14.90
CA LYS A 329 11.98 -4.43 -15.90
C LYS A 329 11.45 -4.05 -17.29
N GLU A 330 10.13 -4.05 -17.43
CA GLU A 330 9.47 -3.70 -18.68
C GLU A 330 9.93 -2.33 -19.22
N TYR A 331 10.06 -1.36 -18.32
CA TYR A 331 10.45 -0.02 -18.74
C TYR A 331 11.90 -0.04 -19.21
N TYR A 332 12.77 -0.68 -18.44
CA TYR A 332 14.17 -0.72 -18.82
C TYR A 332 14.35 -1.40 -20.18
N ASP A 333 13.61 -2.48 -20.39
CA ASP A 333 13.73 -3.20 -21.66
C ASP A 333 13.21 -2.43 -22.85
N ALA A 334 12.13 -1.68 -22.66
CA ALA A 334 11.55 -0.90 -23.76
C ALA A 334 12.48 0.26 -24.14
N GLN A 335 13.18 0.79 -23.15
CA GLN A 335 14.10 1.91 -23.38
C GLN A 335 15.52 1.49 -23.72
N GLY A 336 15.79 0.21 -23.69
CA GLY A 336 17.14 -0.23 -23.96
C GLY A 336 18.11 0.19 -22.87
N LEU A 337 17.59 0.46 -21.67
CA LEU A 337 18.44 0.85 -20.54
C LEU A 337 19.11 -0.36 -19.94
N VAL A 338 20.36 -0.21 -19.52
CA VAL A 338 21.08 -1.32 -18.91
C VAL A 338 20.62 -1.47 -17.46
N LYS A 339 19.98 -2.58 -17.14
CA LYS A 339 19.50 -2.83 -15.78
C LYS A 339 20.62 -2.98 -14.75
N PRO A 340 20.43 -2.46 -13.53
CA PRO A 340 21.51 -2.62 -12.54
C PRO A 340 21.89 -4.10 -12.38
N LYS A 341 23.16 -4.34 -12.09
CA LYS A 341 23.69 -5.69 -11.94
C LYS A 341 22.91 -6.68 -11.06
N ASN A 342 22.40 -6.24 -9.92
CA ASN A 342 21.66 -7.16 -9.04
C ASN A 342 20.15 -7.18 -9.24
N TRP A 343 19.65 -6.63 -10.34
CA TRP A 343 18.21 -6.55 -10.53
C TRP A 343 17.40 -7.83 -10.27
N LYS A 344 17.92 -8.99 -10.63
CA LYS A 344 17.18 -10.22 -10.40
C LYS A 344 16.93 -10.56 -8.93
N LYS A 345 17.76 -10.04 -8.04
CA LYS A 345 17.58 -10.30 -6.60
C LYS A 345 16.16 -9.86 -6.18
N PHE A 346 15.69 -8.77 -6.77
CA PHE A 346 14.37 -8.24 -6.47
C PHE A 346 13.21 -9.10 -7.00
N ARG A 347 13.52 -10.13 -7.79
CA ARG A 347 12.49 -11.01 -8.32
C ARG A 347 12.47 -12.31 -7.53
N GLU A 348 13.24 -12.39 -6.45
CA GLU A 348 13.31 -13.61 -5.63
C GLU A 348 12.25 -13.69 -4.51
N THR B 9 -13.57 -33.74 27.79
CA THR B 9 -12.80 -33.21 26.62
C THR B 9 -12.27 -31.81 26.89
N LYS B 10 -10.95 -31.64 26.75
CA LYS B 10 -10.34 -30.34 26.94
C LYS B 10 -10.53 -29.55 25.65
N THR B 11 -11.11 -28.35 25.76
CA THR B 11 -11.40 -27.49 24.60
C THR B 11 -10.29 -26.46 24.32
N THR B 12 -10.39 -25.77 23.19
CA THR B 12 -9.38 -24.74 22.86
C THR B 12 -9.23 -23.75 24.00
N MET B 13 -10.34 -23.23 24.52
CA MET B 13 -10.24 -22.26 25.60
C MET B 13 -9.67 -22.85 26.90
N ASP B 14 -9.58 -24.18 27.01
CA ASP B 14 -9.00 -24.77 28.22
C ASP B 14 -7.50 -24.59 28.16
N TYR B 15 -6.98 -24.43 26.94
CA TYR B 15 -5.55 -24.23 26.74
C TYR B 15 -5.13 -22.79 26.92
N ILE B 16 -6.12 -21.92 27.02
CA ILE B 16 -5.87 -20.49 27.13
C ILE B 16 -6.23 -19.83 28.46
N THR B 17 -7.36 -20.22 29.05
CA THR B 17 -7.78 -19.59 30.30
C THR B 17 -6.71 -19.56 31.38
N PRO B 18 -5.86 -20.60 31.46
CA PRO B 18 -4.83 -20.56 32.49
C PRO B 18 -3.97 -19.29 32.44
N SER B 19 -3.67 -18.78 31.26
CA SER B 19 -2.85 -17.58 31.20
C SER B 19 -3.66 -16.31 31.47
N PHE B 20 -4.95 -16.45 31.72
CA PHE B 20 -5.76 -15.26 32.02
C PHE B 20 -5.68 -14.93 33.52
N LYS B 26 3.26 -9.28 36.33
CA LYS B 26 3.20 -8.78 34.92
C LYS B 26 3.08 -9.96 33.97
N PRO B 27 2.22 -9.84 32.93
CA PRO B 27 2.05 -10.94 31.98
C PRO B 27 3.34 -11.27 31.27
N LYS B 28 3.51 -12.52 30.88
CA LYS B 28 4.70 -12.96 30.16
C LYS B 28 4.46 -12.64 28.69
N ALA B 29 4.97 -11.49 28.26
CA ALA B 29 4.77 -11.01 26.89
C ALA B 29 6.01 -10.43 26.22
N CYS B 30 5.97 -10.36 24.89
CA CYS B 30 7.09 -9.81 24.14
C CYS B 30 6.66 -9.22 22.80
N TYR B 31 7.48 -8.34 22.24
CA TYR B 31 7.24 -7.82 20.89
C TYR B 31 8.00 -8.87 20.06
N VAL B 32 7.53 -9.17 18.86
CA VAL B 32 8.23 -10.14 18.02
C VAL B 32 8.32 -9.58 16.60
N THR B 33 9.51 -9.64 16.03
CA THR B 33 9.74 -9.10 14.70
C THR B 33 10.54 -10.01 13.79
N LEU B 34 9.95 -10.45 12.68
CA LEU B 34 10.70 -11.25 11.70
C LEU B 34 11.19 -10.15 10.75
N VAL B 35 12.48 -10.10 10.47
CA VAL B 35 12.99 -9.02 9.61
C VAL B 35 14.28 -9.34 8.86
N ARG B 36 14.53 -8.61 7.78
CA ARG B 36 15.75 -8.82 6.98
C ARG B 36 16.82 -7.81 7.33
N ASN B 37 18.08 -8.19 7.13
CA ASN B 37 19.18 -7.29 7.45
C ASN B 37 19.04 -6.04 6.62
N LYS B 38 18.72 -6.20 5.34
CA LYS B 38 18.59 -5.04 4.45
C LYS B 38 17.42 -4.10 4.75
N GLU B 39 16.67 -4.34 5.83
CA GLU B 39 15.56 -3.46 6.21
C GLU B 39 15.87 -2.66 7.48
N LEU B 40 17.15 -2.49 7.78
CA LEU B 40 17.51 -1.79 8.99
C LEU B 40 16.93 -0.38 9.18
N LYS B 41 16.96 0.46 8.16
CA LYS B 41 16.45 1.80 8.35
C LYS B 41 14.95 1.85 8.65
N GLY B 42 14.18 1.01 7.97
CA GLY B 42 12.75 0.95 8.20
C GLY B 42 12.40 0.34 9.56
N LEU B 43 13.22 -0.60 10.05
CA LEU B 43 12.99 -1.22 11.35
C LEU B 43 13.29 -0.20 12.44
N LEU B 44 14.45 0.45 12.34
CA LEU B 44 14.83 1.44 13.34
C LEU B 44 13.72 2.46 13.48
N SER B 45 13.11 2.82 12.35
CA SER B 45 12.01 3.78 12.36
C SER B 45 10.88 3.19 13.21
N SER B 46 10.45 1.97 12.88
CA SER B 46 9.38 1.32 13.66
C SER B 46 9.74 1.28 15.15
N ILE B 47 11.01 0.99 15.45
CA ILE B 47 11.42 0.93 16.84
C ILE B 47 11.23 2.29 17.52
N LYS B 48 11.63 3.37 16.85
CA LYS B 48 11.48 4.67 17.48
C LYS B 48 10.01 4.94 17.87
N TYR B 49 9.06 4.52 17.02
CA TYR B 49 7.64 4.71 17.30
C TYR B 49 7.20 3.90 18.53
N VAL B 50 7.53 2.62 18.53
CA VAL B 50 7.15 1.76 19.64
C VAL B 50 7.76 2.27 20.96
N GLU B 51 9.02 2.72 20.89
CA GLU B 51 9.71 3.25 22.06
C GLU B 51 8.93 4.43 22.61
N ASN B 52 8.78 5.45 21.77
CA ASN B 52 8.10 6.65 22.18
C ASN B 52 6.65 6.53 22.59
N LYS B 53 5.88 5.66 21.93
CA LYS B 53 4.47 5.53 22.27
C LYS B 53 4.08 4.58 23.38
N ILE B 54 4.89 3.58 23.69
CA ILE B 54 4.51 2.67 24.76
C ILE B 54 5.64 1.98 25.52
N ASN B 55 6.69 1.59 24.81
CA ASN B 55 7.77 0.85 25.45
C ASN B 55 8.61 1.54 26.52
N LYS B 56 8.79 2.85 26.45
CA LYS B 56 9.58 3.42 27.52
C LYS B 56 8.75 3.50 28.81
N LYS B 57 7.42 3.48 28.67
CA LYS B 57 6.54 3.53 29.84
C LYS B 57 6.21 2.13 30.37
N PHE B 58 5.93 1.19 29.47
CA PHE B 58 5.61 -0.19 29.85
C PHE B 58 6.56 -1.12 29.11
N PRO B 59 7.80 -1.26 29.62
CA PRO B 59 8.77 -2.14 28.95
C PRO B 59 8.51 -3.63 28.91
N TYR B 60 8.75 -4.21 27.74
CA TYR B 60 8.61 -5.63 27.50
C TYR B 60 9.75 -6.00 26.54
N PRO B 61 10.30 -7.22 26.71
CA PRO B 61 11.39 -7.73 25.89
C PRO B 61 10.96 -7.76 24.42
N TRP B 62 11.94 -7.54 23.55
CA TRP B 62 11.68 -7.53 22.12
C TRP B 62 12.51 -8.63 21.45
N VAL B 63 11.82 -9.54 20.76
CA VAL B 63 12.48 -10.66 20.05
C VAL B 63 12.58 -10.36 18.56
N PHE B 64 13.78 -10.50 18.00
CA PHE B 64 13.96 -10.25 16.57
C PHE B 64 14.39 -11.54 15.90
N LEU B 65 13.69 -11.95 14.83
CA LEU B 65 13.99 -13.20 14.12
C LEU B 65 14.35 -12.95 12.67
N ASN B 66 15.13 -13.87 12.09
CA ASN B 66 15.58 -13.73 10.70
C ASN B 66 15.87 -15.14 10.14
N ASP B 67 15.66 -15.35 8.84
CA ASP B 67 15.94 -16.67 8.31
C ASP B 67 17.46 -16.80 8.09
N GLU B 68 18.14 -15.67 8.16
CA GLU B 68 19.59 -15.60 7.99
C GLU B 68 20.14 -14.98 9.25
N PRO B 69 21.44 -15.10 9.48
CA PRO B 69 21.98 -14.50 10.70
C PRO B 69 21.95 -12.99 10.62
N PHE B 70 21.72 -12.32 11.74
CA PHE B 70 21.72 -10.86 11.74
C PHE B 70 23.16 -10.38 11.65
N THR B 71 23.40 -9.23 11.02
CA THR B 71 24.77 -8.71 10.95
C THR B 71 25.05 -7.99 12.26
N GLU B 72 26.32 -7.72 12.52
CA GLU B 72 26.72 -7.04 13.74
C GLU B 72 26.25 -5.61 13.71
N GLU B 73 26.26 -5.03 12.52
CA GLU B 73 25.84 -3.66 12.33
C GLU B 73 24.36 -3.58 12.71
N PHE B 74 23.59 -4.58 12.26
CA PHE B 74 22.17 -4.62 12.56
C PHE B 74 21.90 -4.76 14.07
N LYS B 75 22.50 -5.77 14.70
CA LYS B 75 22.28 -6.01 16.13
C LYS B 75 22.70 -4.83 17.00
N GLU B 76 23.83 -4.23 16.65
CA GLU B 76 24.36 -3.08 17.37
C GLU B 76 23.37 -1.92 17.32
N ALA B 77 22.84 -1.65 16.14
CA ALA B 77 21.88 -0.56 15.95
C ALA B 77 20.58 -0.83 16.71
N VAL B 78 20.01 -2.01 16.51
CA VAL B 78 18.77 -2.39 17.17
C VAL B 78 18.90 -2.39 18.70
N THR B 79 20.00 -2.94 19.23
CA THR B 79 20.21 -2.99 20.68
C THR B 79 20.22 -1.60 21.31
N LYS B 80 20.80 -0.63 20.60
CA LYS B 80 20.85 0.74 21.10
C LYS B 80 19.49 1.40 21.05
N ALA B 81 18.74 1.11 20.00
CA ALA B 81 17.45 1.77 19.80
C ALA B 81 16.31 1.29 20.71
N VAL B 82 16.38 0.04 21.14
CA VAL B 82 15.34 -0.50 22.02
C VAL B 82 15.81 -0.30 23.46
N SER B 83 14.97 0.29 24.30
CA SER B 83 15.33 0.54 25.71
C SER B 83 15.10 -0.69 26.61
N SER B 84 14.26 -1.60 26.17
CA SER B 84 14.04 -2.80 26.95
C SER B 84 15.00 -3.87 26.45
N GLU B 85 14.95 -5.07 27.02
CA GLU B 85 15.84 -6.15 26.61
C GLU B 85 15.54 -6.70 25.21
N VAL B 86 16.57 -6.86 24.39
CA VAL B 86 16.38 -7.41 23.05
C VAL B 86 16.99 -8.81 22.94
N LYS B 87 16.32 -9.67 22.17
CA LYS B 87 16.82 -11.02 21.91
C LYS B 87 16.85 -11.22 20.38
N PHE B 88 17.93 -11.77 19.86
CA PHE B 88 18.06 -12.01 18.42
C PHE B 88 18.13 -13.52 18.21
N GLY B 89 17.34 -14.04 17.28
CA GLY B 89 17.35 -15.47 17.03
C GLY B 89 17.33 -15.78 15.54
N ILE B 90 17.84 -16.94 15.14
CA ILE B 90 17.82 -17.30 13.74
C ILE B 90 16.73 -18.37 13.63
N LEU B 91 16.11 -18.48 12.46
CA LEU B 91 15.03 -19.47 12.29
C LEU B 91 15.54 -20.85 11.98
N PRO B 92 14.92 -21.87 12.58
CA PRO B 92 15.44 -23.19 12.23
C PRO B 92 15.10 -23.37 10.76
N LYS B 93 16.02 -23.96 10.01
CA LYS B 93 15.82 -24.20 8.58
C LYS B 93 14.58 -25.02 8.26
N GLU B 94 14.07 -25.79 9.21
CA GLU B 94 12.88 -26.60 8.96
C GLU B 94 11.62 -25.73 9.01
N HIS B 95 11.77 -24.50 9.48
CA HIS B 95 10.66 -23.56 9.56
C HIS B 95 10.77 -22.60 8.41
N TRP B 96 11.71 -22.86 7.50
CA TRP B 96 11.93 -22.00 6.34
C TRP B 96 12.58 -22.76 5.17
N SER B 97 11.89 -23.77 4.66
CA SER B 97 12.39 -24.57 3.54
C SER B 97 11.20 -25.36 3.00
N TYR B 98 11.26 -25.79 1.75
CA TYR B 98 10.13 -26.55 1.20
C TYR B 98 9.92 -27.87 1.92
N PRO B 99 8.66 -28.17 2.31
CA PRO B 99 8.37 -29.43 2.98
C PRO B 99 8.65 -30.54 1.95
N GLU B 100 8.89 -31.76 2.42
CA GLU B 100 9.18 -32.85 1.49
C GLU B 100 8.07 -33.13 0.48
N TRP B 101 6.82 -32.87 0.85
CA TRP B 101 5.67 -33.16 -0.02
C TRP B 101 5.32 -32.08 -1.03
N ILE B 102 6.16 -31.05 -1.15
CA ILE B 102 5.89 -29.99 -2.10
C ILE B 102 6.70 -30.19 -3.37
N ASN B 103 6.02 -30.10 -4.51
CA ASN B 103 6.65 -30.25 -5.81
C ASN B 103 7.25 -28.91 -6.19
N GLN B 104 8.55 -28.78 -6.04
CA GLN B 104 9.24 -27.53 -6.31
C GLN B 104 9.23 -27.02 -7.75
N THR B 105 9.18 -27.93 -8.71
CA THR B 105 9.15 -27.54 -10.11
C THR B 105 7.81 -26.90 -10.37
N LYS B 106 6.77 -27.52 -9.82
CA LYS B 106 5.42 -27.03 -9.96
C LYS B 106 5.38 -25.65 -9.32
N ALA B 107 5.92 -25.54 -8.13
CA ALA B 107 5.93 -24.27 -7.44
C ALA B 107 6.66 -23.20 -8.24
N ALA B 108 7.79 -23.56 -8.86
CA ALA B 108 8.58 -22.59 -9.63
C ALA B 108 7.82 -22.05 -10.85
N GLU B 109 7.09 -22.92 -11.54
CA GLU B 109 6.32 -22.54 -12.69
C GLU B 109 5.20 -21.62 -12.23
N ILE B 110 4.63 -21.93 -11.06
CA ILE B 110 3.56 -21.12 -10.51
C ILE B 110 4.06 -19.70 -10.27
N ARG B 111 5.23 -19.56 -9.66
CA ARG B 111 5.80 -18.25 -9.37
C ARG B 111 6.17 -17.53 -10.65
N ALA B 112 6.73 -18.29 -11.59
CA ALA B 112 7.13 -17.70 -12.88
C ALA B 112 5.93 -17.10 -13.57
N ASP B 113 4.83 -17.84 -13.55
CA ASP B 113 3.61 -17.38 -14.19
C ASP B 113 2.99 -16.18 -13.44
N ALA B 114 3.00 -16.22 -12.12
CA ALA B 114 2.37 -15.13 -11.36
C ALA B 114 3.30 -13.95 -11.07
N ALA B 115 4.52 -13.98 -11.60
CA ALA B 115 5.47 -12.90 -11.35
C ALA B 115 4.86 -11.51 -11.48
N THR B 116 4.13 -11.27 -12.54
CA THR B 116 3.54 -9.96 -12.78
C THR B 116 2.06 -9.92 -12.53
N LYS B 117 1.48 -11.03 -12.05
CA LYS B 117 0.03 -11.12 -11.83
C LYS B 117 -0.53 -10.49 -10.56
N TYR B 118 0.16 -10.66 -9.43
CA TYR B 118 -0.30 -10.05 -8.18
C TYR B 118 0.91 -9.77 -7.33
N ILE B 119 0.79 -8.88 -6.35
CA ILE B 119 1.93 -8.56 -5.51
C ILE B 119 2.58 -9.81 -4.88
N TYR B 120 3.89 -9.89 -5.03
CA TYR B 120 4.70 -10.99 -4.52
C TYR B 120 4.42 -12.28 -5.26
N GLY B 121 3.71 -12.19 -6.37
CA GLY B 121 3.38 -13.39 -7.13
C GLY B 121 4.57 -14.27 -7.49
N GLY B 122 5.67 -13.64 -7.90
CA GLY B 122 6.82 -14.43 -8.29
C GLY B 122 7.82 -14.65 -7.20
N SER B 123 7.53 -14.17 -6.00
CA SER B 123 8.49 -14.30 -4.91
C SER B 123 8.47 -15.64 -4.16
N GLU B 124 9.65 -16.24 -4.07
CA GLU B 124 9.80 -17.50 -3.37
C GLU B 124 9.87 -17.22 -1.87
N SER B 125 10.66 -16.22 -1.49
CA SER B 125 10.84 -15.87 -0.08
C SER B 125 9.55 -15.43 0.59
N TYR B 126 8.72 -14.65 -0.11
CA TYR B 126 7.46 -14.21 0.50
C TYR B 126 6.62 -15.39 0.99
N ARG B 127 6.57 -16.45 0.19
CA ARG B 127 5.78 -17.62 0.57
C ARG B 127 6.34 -18.34 1.81
N HIS B 128 7.67 -18.48 1.92
CA HIS B 128 8.21 -19.12 3.11
C HIS B 128 7.87 -18.23 4.30
N MET B 129 7.92 -16.91 4.12
CA MET B 129 7.57 -15.98 5.20
C MET B 129 6.10 -16.23 5.65
N CYS B 130 5.18 -16.30 4.68
CA CYS B 130 3.78 -16.55 4.99
C CYS B 130 3.56 -17.84 5.78
N ARG B 131 4.26 -18.89 5.38
CA ARG B 131 4.15 -20.17 6.04
C ARG B 131 4.77 -20.05 7.43
N TYR B 132 5.83 -19.26 7.53
CA TYR B 132 6.50 -19.08 8.80
C TYR B 132 5.58 -18.42 9.83
N GLN B 133 5.02 -17.29 9.44
CA GLN B 133 4.10 -16.53 10.31
C GLN B 133 2.85 -17.37 10.65
N SER B 134 2.44 -18.21 9.71
CA SER B 134 1.28 -19.07 9.90
C SER B 134 1.51 -20.18 10.92
N GLY B 135 2.56 -20.96 10.75
CA GLY B 135 2.72 -22.05 11.68
C GLY B 135 3.99 -22.24 12.45
N PHE B 136 4.94 -21.32 12.40
CA PHE B 136 6.19 -21.54 13.12
C PHE B 136 6.76 -20.43 14.02
N PHE B 137 6.42 -19.17 13.79
CA PHE B 137 7.00 -18.10 14.61
C PHE B 137 6.60 -18.28 16.07
N TRP B 138 5.42 -18.86 16.30
CA TRP B 138 4.92 -19.07 17.66
C TRP B 138 5.53 -20.29 18.36
N ARG B 139 6.42 -20.98 17.65
CA ARG B 139 7.12 -22.15 18.16
C ARG B 139 8.60 -21.83 18.29
N HIS B 140 9.02 -20.62 17.94
CA HIS B 140 10.44 -20.32 18.06
C HIS B 140 10.84 -20.39 19.54
N GLU B 141 12.02 -20.95 19.77
CA GLU B 141 12.60 -21.09 21.10
C GLU B 141 12.46 -19.89 22.00
N LEU B 142 12.73 -18.72 21.42
CA LEU B 142 12.71 -17.45 22.13
C LEU B 142 11.31 -17.01 22.56
N LEU B 143 10.28 -17.64 22.01
CA LEU B 143 8.91 -17.29 22.38
C LEU B 143 8.29 -18.29 23.36
N GLU B 144 8.97 -19.42 23.57
CA GLU B 144 8.48 -20.44 24.48
C GLU B 144 8.03 -19.92 25.86
N GLU B 145 8.82 -19.05 26.46
CA GLU B 145 8.53 -18.53 27.80
C GLU B 145 7.40 -17.51 27.92
N TYR B 146 6.87 -17.03 26.80
CA TYR B 146 5.81 -16.04 26.82
C TYR B 146 4.43 -16.62 26.53
N ASP B 147 3.42 -15.82 26.85
CA ASP B 147 2.02 -16.21 26.60
C ASP B 147 1.42 -15.24 25.60
N TRP B 148 2.05 -14.07 25.47
CA TRP B 148 1.57 -13.05 24.56
C TRP B 148 2.70 -12.47 23.72
N TYR B 149 2.37 -12.00 22.52
CA TYR B 149 3.36 -11.36 21.65
C TYR B 149 2.64 -10.21 20.98
N TRP B 150 3.42 -9.23 20.52
CA TRP B 150 2.92 -8.08 19.79
C TRP B 150 3.82 -8.06 18.54
N ARG B 151 3.25 -8.37 17.39
CA ARG B 151 4.03 -8.38 16.15
C ARG B 151 4.25 -6.96 15.62
N VAL B 152 5.50 -6.67 15.26
CA VAL B 152 5.88 -5.35 14.74
C VAL B 152 6.79 -5.49 13.52
N GLU B 153 6.44 -4.73 12.47
CA GLU B 153 7.21 -4.77 11.24
C GLU B 153 7.96 -3.48 10.95
N PRO B 154 8.95 -3.54 10.05
CA PRO B 154 9.66 -2.31 9.73
C PRO B 154 8.70 -1.41 8.97
N ASP B 155 9.04 -0.13 8.93
CA ASP B 155 8.25 0.90 8.21
C ASP B 155 6.81 1.13 8.71
N ILE B 156 6.62 0.92 10.01
CA ILE B 156 5.35 1.08 10.71
C ILE B 156 5.31 2.40 11.50
N LYS B 157 4.12 2.90 11.79
CA LYS B 157 3.99 4.12 12.60
C LYS B 157 3.00 3.85 13.74
N LEU B 158 3.24 4.42 14.90
CA LEU B 158 2.28 4.34 16.00
C LEU B 158 1.96 5.83 16.09
N TYR B 159 0.74 6.17 15.73
CA TYR B 159 0.35 7.56 15.69
C TYR B 159 0.09 8.21 17.03
N CYS B 160 -0.28 7.40 18.02
CA CYS B 160 -0.63 7.92 19.34
C CYS B 160 0.14 7.26 20.48
N ASP B 161 0.11 7.96 21.62
CA ASP B 161 0.72 7.46 22.84
C ASP B 161 -0.25 6.36 23.26
N ILE B 162 0.26 5.39 24.00
CA ILE B 162 -0.57 4.32 24.52
C ILE B 162 -0.27 4.44 26.01
N ASN B 163 -1.28 4.86 26.76
CA ASN B 163 -1.11 5.08 28.19
C ASN B 163 -1.49 3.96 29.17
N TYR B 164 -1.53 2.73 28.67
CA TYR B 164 -1.81 1.59 29.53
C TYR B 164 -1.01 0.40 29.00
N ASP B 165 -0.77 -0.57 29.85
CA ASP B 165 -0.04 -1.75 29.48
C ASP B 165 -1.02 -2.63 28.69
N VAL B 166 -0.84 -2.68 27.36
CA VAL B 166 -1.72 -3.44 26.47
C VAL B 166 -1.78 -4.94 26.82
N PHE B 167 -0.61 -5.54 27.06
CA PHE B 167 -0.56 -6.96 27.42
C PHE B 167 -1.34 -7.22 28.71
N LYS B 168 -1.15 -6.33 29.69
CA LYS B 168 -1.85 -6.46 30.97
C LYS B 168 -3.34 -6.37 30.74
N TRP B 169 -3.72 -5.44 29.87
CA TRP B 169 -5.12 -5.27 29.56
C TRP B 169 -5.69 -6.56 28.92
N MET B 170 -4.96 -7.14 27.97
CA MET B 170 -5.43 -8.37 27.32
C MET B 170 -5.70 -9.45 28.36
N GLN B 171 -4.76 -9.61 29.30
CA GLN B 171 -4.89 -10.60 30.35
C GLN B 171 -6.10 -10.37 31.25
N GLU B 172 -6.21 -9.15 31.78
CA GLU B 172 -7.31 -8.81 32.65
C GLU B 172 -8.68 -8.94 32.02
N ASN B 173 -8.77 -8.61 30.74
CA ASN B 173 -10.04 -8.64 30.03
C ASN B 173 -10.32 -9.92 29.28
N GLU B 174 -9.44 -10.89 29.47
CA GLU B 174 -9.57 -12.20 28.88
C GLU B 174 -9.76 -12.18 27.39
N LYS B 175 -8.90 -11.43 26.72
CA LYS B 175 -8.96 -11.36 25.27
C LYS B 175 -7.82 -12.23 24.76
N VAL B 176 -8.00 -12.77 23.56
CA VAL B 176 -7.03 -13.67 22.96
C VAL B 176 -6.35 -13.13 21.69
N TYR B 177 -7.12 -12.46 20.84
CA TYR B 177 -6.59 -11.93 19.58
C TYR B 177 -6.93 -10.46 19.45
N GLY B 178 -5.90 -9.62 19.37
CA GLY B 178 -6.09 -8.18 19.23
C GLY B 178 -5.53 -7.63 17.91
N PHE B 179 -6.30 -6.78 17.23
CA PHE B 179 -5.87 -6.22 15.96
C PHE B 179 -6.32 -4.79 15.77
N THR B 180 -5.87 -4.17 14.67
CA THR B 180 -6.26 -2.81 14.34
C THR B 180 -6.86 -2.74 12.92
N VAL B 181 -6.11 -3.12 11.90
CA VAL B 181 -6.65 -3.08 10.54
C VAL B 181 -7.20 -4.43 10.05
N SER B 182 -8.28 -4.39 9.27
CA SER B 182 -8.83 -5.59 8.67
C SER B 182 -9.06 -5.21 7.21
N ILE B 183 -9.08 -6.20 6.31
CA ILE B 183 -9.25 -5.89 4.89
C ILE B 183 -9.63 -7.15 4.08
N HIS B 184 -10.11 -6.95 2.85
CA HIS B 184 -10.46 -8.07 1.98
C HIS B 184 -9.21 -8.54 1.23
N GLU B 185 -8.96 -9.83 1.30
CA GLU B 185 -7.79 -10.42 0.64
C GLU B 185 -7.93 -10.46 -0.89
N TYR B 186 -6.81 -10.47 -1.61
CA TYR B 186 -6.84 -10.58 -3.07
C TYR B 186 -7.11 -12.07 -3.27
N GLU B 187 -8.32 -12.42 -3.69
CA GLU B 187 -8.67 -13.82 -3.83
C GLU B 187 -7.74 -14.64 -4.73
N VAL B 188 -7.15 -14.01 -5.73
CA VAL B 188 -6.25 -14.69 -6.66
C VAL B 188 -5.09 -15.39 -5.93
N THR B 189 -4.85 -15.00 -4.68
CA THR B 189 -3.77 -15.58 -3.89
C THR B 189 -4.25 -16.72 -3.00
N ILE B 190 -5.57 -16.88 -2.83
CA ILE B 190 -6.12 -17.91 -1.95
C ILE B 190 -7.33 -18.63 -2.52
N PRO B 191 -7.31 -18.96 -3.84
CA PRO B 191 -8.45 -19.64 -4.48
C PRO B 191 -9.00 -20.84 -3.72
N THR B 192 -8.15 -21.68 -3.15
CA THR B 192 -8.69 -22.83 -2.45
C THR B 192 -8.62 -22.78 -0.92
N LEU B 193 -8.08 -21.71 -0.36
CA LEU B 193 -7.97 -21.61 1.10
C LEU B 193 -9.29 -21.85 1.85
N TRP B 194 -10.36 -21.17 1.45
CA TRP B 194 -11.64 -21.33 2.13
C TRP B 194 -12.23 -22.73 2.10
N GLN B 195 -12.30 -23.34 0.93
CA GLN B 195 -12.85 -24.69 0.82
C GLN B 195 -12.01 -25.64 1.70
N THR B 196 -10.69 -25.45 1.70
CA THR B 196 -9.81 -26.30 2.48
C THR B 196 -10.16 -26.15 3.96
N SER B 197 -10.41 -24.91 4.38
CA SER B 197 -10.75 -24.65 5.78
C SER B 197 -12.13 -25.22 6.16
N MET B 198 -13.11 -25.11 5.27
CA MET B 198 -14.45 -25.65 5.57
C MET B 198 -14.48 -27.17 5.65
N ASP B 199 -13.62 -27.84 4.87
CA ASP B 199 -13.58 -29.29 4.91
C ASP B 199 -12.97 -29.64 6.26
N PHE B 200 -11.99 -28.84 6.68
CA PHE B 200 -11.36 -29.06 7.97
C PHE B 200 -12.43 -29.04 9.07
N ILE B 201 -13.27 -28.01 9.10
CA ILE B 201 -14.31 -27.88 10.12
C ILE B 201 -15.34 -29.03 10.05
N LYS B 202 -15.60 -29.50 8.83
CA LYS B 202 -16.56 -30.57 8.66
C LYS B 202 -16.04 -31.85 9.33
N LYS B 203 -14.74 -32.11 9.20
CA LYS B 203 -14.16 -33.30 9.84
C LYS B 203 -13.86 -33.11 11.32
N ASN B 204 -13.82 -31.85 11.79
CA ASN B 204 -13.53 -31.55 13.19
C ASN B 204 -14.49 -30.54 13.83
N PRO B 205 -15.80 -30.84 13.82
CA PRO B 205 -16.83 -29.96 14.38
C PRO B 205 -16.58 -29.48 15.80
N GLU B 206 -15.84 -30.26 16.58
CA GLU B 206 -15.56 -29.86 17.96
C GLU B 206 -14.70 -28.59 18.05
N TYR B 207 -13.93 -28.26 17.01
CA TYR B 207 -13.09 -27.07 17.03
C TYR B 207 -13.84 -25.80 16.65
N LEU B 208 -15.06 -25.97 16.17
CA LEU B 208 -15.87 -24.83 15.78
C LEU B 208 -16.52 -24.30 17.06
N ASP B 209 -16.13 -23.13 17.54
CA ASP B 209 -16.78 -22.62 18.76
C ASP B 209 -18.23 -22.26 18.44
N GLU B 210 -19.14 -22.67 19.33
CA GLU B 210 -20.56 -22.43 19.17
C GLU B 210 -20.91 -20.95 19.09
N ASN B 211 -20.07 -20.12 19.70
CA ASN B 211 -20.29 -18.68 19.68
C ASN B 211 -19.15 -17.95 18.94
N ASN B 212 -18.77 -18.45 17.77
CA ASN B 212 -17.67 -17.86 17.02
C ASN B 212 -18.03 -16.64 16.17
N LEU B 213 -17.04 -16.13 15.45
CA LEU B 213 -17.16 -14.96 14.58
C LEU B 213 -17.31 -15.30 13.08
N MET B 214 -17.97 -16.41 12.76
CA MET B 214 -18.14 -16.77 11.35
C MET B 214 -18.71 -15.62 10.51
N SER B 215 -19.60 -14.80 11.08
CA SER B 215 -20.20 -13.70 10.35
C SER B 215 -19.22 -12.66 9.79
N PHE B 216 -18.03 -12.57 10.37
CA PHE B 216 -17.03 -11.62 9.88
C PHE B 216 -16.41 -12.21 8.60
N LEU B 217 -16.24 -13.52 8.58
CA LEU B 217 -15.63 -14.21 7.45
C LEU B 217 -16.58 -14.55 6.33
N SER B 218 -17.86 -14.65 6.65
CA SER B 218 -18.82 -15.08 5.65
C SER B 218 -20.17 -14.40 5.75
N ASN B 219 -20.79 -14.24 4.60
CA ASN B 219 -22.10 -13.59 4.52
C ASN B 219 -23.19 -14.63 4.27
N ASP B 220 -22.79 -15.89 4.09
CA ASP B 220 -23.77 -16.94 3.84
C ASP B 220 -23.56 -18.13 4.76
N ASN B 221 -23.17 -17.86 6.00
CA ASN B 221 -22.94 -18.90 6.99
C ASN B 221 -21.95 -19.99 6.61
N GLY B 222 -20.83 -19.62 6.01
CA GLY B 222 -19.86 -20.64 5.66
C GLY B 222 -19.81 -21.11 4.22
N LYS B 223 -20.89 -20.88 3.46
CA LYS B 223 -20.89 -21.31 2.06
C LYS B 223 -19.65 -20.74 1.35
N THR B 224 -19.48 -19.42 1.41
CA THR B 224 -18.32 -18.79 0.79
C THR B 224 -17.61 -17.81 1.74
N TYR B 225 -16.37 -17.48 1.39
CA TYR B 225 -15.53 -16.56 2.14
C TYR B 225 -15.70 -15.13 1.54
N ASN B 226 -15.96 -14.14 2.38
CA ASN B 226 -16.10 -12.78 1.85
C ASN B 226 -14.72 -12.14 1.69
N LEU B 227 -13.67 -12.88 2.02
CA LEU B 227 -12.27 -12.44 1.87
C LEU B 227 -11.76 -11.56 3.01
N CYS B 228 -12.62 -11.31 3.98
CA CYS B 228 -12.23 -10.52 5.14
C CYS B 228 -11.21 -11.21 6.06
N HIS B 229 -10.25 -10.43 6.55
CA HIS B 229 -9.26 -10.95 7.47
C HIS B 229 -8.61 -9.81 8.23
N PHE B 230 -8.00 -10.13 9.35
CA PHE B 230 -7.32 -9.14 10.19
C PHE B 230 -5.93 -9.00 9.59
N TRP B 231 -5.44 -7.76 9.51
CA TRP B 231 -4.12 -7.51 8.91
C TRP B 231 -3.05 -7.92 9.91
N SER B 232 -2.48 -9.11 9.71
CA SER B 232 -1.51 -9.65 10.66
C SER B 232 -0.20 -8.90 10.95
N ASN B 233 0.13 -7.85 10.21
CA ASN B 233 1.38 -7.13 10.51
C ASN B 233 1.23 -6.47 11.89
N PHE B 234 -0.01 -6.37 12.34
CA PHE B 234 -0.28 -5.87 13.67
C PHE B 234 -1.13 -6.93 14.39
N GLU B 235 -0.55 -7.55 15.41
CA GLU B 235 -1.23 -8.52 16.24
C GLU B 235 -0.68 -8.44 17.66
N ILE B 236 -1.59 -8.53 18.61
CA ILE B 236 -1.29 -8.56 20.03
C ILE B 236 -2.20 -9.72 20.42
N ALA B 237 -1.62 -10.89 20.60
CA ALA B 237 -2.41 -12.06 20.91
C ALA B 237 -1.74 -13.04 21.85
N ASN B 238 -2.52 -14.02 22.27
CA ASN B 238 -2.10 -15.07 23.19
C ASN B 238 -1.52 -16.24 22.39
N LEU B 239 -0.24 -16.48 22.56
CA LEU B 239 0.44 -17.55 21.87
C LEU B 239 -0.23 -18.91 21.99
N ASN B 240 -0.94 -19.15 23.10
CA ASN B 240 -1.59 -20.44 23.32
C ASN B 240 -2.71 -20.76 22.33
N LEU B 241 -3.16 -19.76 21.57
CA LEU B 241 -4.18 -20.04 20.58
C LEU B 241 -3.47 -20.84 19.49
N TRP B 242 -2.35 -20.31 19.02
CA TRP B 242 -1.62 -20.99 17.95
C TRP B 242 -1.09 -22.32 18.47
N ARG B 243 -0.86 -22.41 19.78
CA ARG B 243 -0.37 -23.65 20.38
C ARG B 243 -1.45 -24.66 20.71
N SER B 244 -2.72 -24.30 20.52
CA SER B 244 -3.79 -25.22 20.82
C SER B 244 -3.89 -26.37 19.80
N PRO B 245 -4.52 -27.49 20.21
CA PRO B 245 -4.63 -28.61 19.26
C PRO B 245 -5.37 -28.19 18.00
N ALA B 246 -6.45 -27.44 18.17
CA ALA B 246 -7.22 -27.00 17.01
C ALA B 246 -6.35 -26.28 15.97
N TYR B 247 -5.58 -25.27 16.40
CA TYR B 247 -4.76 -24.56 15.43
C TYR B 247 -3.65 -25.40 14.83
N ARG B 248 -3.03 -26.26 15.64
CA ARG B 248 -1.95 -27.10 15.12
C ARG B 248 -2.50 -28.00 14.00
N GLU B 249 -3.62 -28.66 14.24
CA GLU B 249 -4.24 -29.50 13.22
C GLU B 249 -4.67 -28.69 11.99
N TYR B 250 -5.20 -27.49 12.23
CA TYR B 250 -5.60 -26.62 11.14
C TYR B 250 -4.38 -26.29 10.28
N PHE B 251 -3.34 -25.70 10.87
CA PHE B 251 -2.15 -25.38 10.09
C PHE B 251 -1.57 -26.58 9.31
N ASP B 252 -1.52 -27.74 9.96
N ASP B 252 -1.49 -27.74 9.96
CA ASP B 252 -0.97 -28.94 9.34
CA ASP B 252 -0.94 -28.93 9.28
C ASP B 252 -1.78 -29.32 8.10
C ASP B 252 -1.78 -29.29 8.06
N THR B 253 -3.09 -29.11 8.16
CA THR B 253 -3.98 -29.40 7.04
C THR B 253 -3.63 -28.49 5.86
N LEU B 254 -3.55 -27.18 6.13
CA LEU B 254 -3.20 -26.21 5.08
C LEU B 254 -1.81 -26.48 4.53
N ASP B 255 -0.90 -26.88 5.42
CA ASP B 255 0.48 -27.15 5.03
C ASP B 255 0.53 -28.36 4.07
N HIS B 256 -0.30 -29.36 4.31
CA HIS B 256 -0.28 -30.49 3.38
C HIS B 256 -1.06 -30.25 2.11
N GLN B 257 -2.02 -29.32 2.16
CA GLN B 257 -2.81 -29.01 0.97
C GLN B 257 -1.86 -28.37 -0.05
N GLY B 258 -0.99 -27.46 0.40
CA GLY B 258 -0.03 -26.86 -0.51
C GLY B 258 -0.14 -25.38 -0.89
N GLY B 259 -1.29 -24.77 -0.61
CA GLY B 259 -1.49 -23.37 -0.95
C GLY B 259 -0.40 -22.35 -0.59
N PHE B 260 0.41 -22.56 0.44
CA PHE B 260 1.45 -21.56 0.73
C PHE B 260 2.39 -21.44 -0.45
N PHE B 261 2.52 -22.54 -1.19
CA PHE B 261 3.43 -22.60 -2.32
C PHE B 261 2.76 -22.74 -3.69
N TYR B 262 1.58 -23.38 -3.75
CA TYR B 262 0.89 -23.55 -5.04
C TYR B 262 -0.06 -22.39 -5.34
N GLU B 263 -0.28 -21.53 -4.34
CA GLU B 263 -1.10 -20.33 -4.48
C GLU B 263 -0.19 -19.31 -3.75
N ARG B 264 -0.72 -18.46 -2.88
CA ARG B 264 0.16 -17.55 -2.17
C ARG B 264 -0.53 -17.18 -0.86
N TRP B 265 -0.90 -18.22 -0.10
CA TRP B 265 -1.61 -18.06 1.15
C TRP B 265 -0.86 -17.21 2.16
N GLY B 266 -1.49 -16.10 2.59
CA GLY B 266 -0.87 -15.22 3.58
C GLY B 266 -1.21 -15.70 4.98
N ASP B 267 -0.39 -15.35 5.97
CA ASP B 267 -0.67 -15.77 7.32
C ASP B 267 -1.86 -14.99 7.89
N ALA B 268 -2.11 -13.79 7.38
CA ALA B 268 -3.23 -13.00 7.90
C ALA B 268 -4.54 -13.75 7.71
N PRO B 269 -4.87 -14.16 6.46
CA PRO B 269 -6.13 -14.89 6.31
C PRO B 269 -6.18 -16.21 7.10
N VAL B 270 -5.03 -16.87 7.26
CA VAL B 270 -4.91 -18.13 7.99
C VAL B 270 -5.15 -17.88 9.49
N HIS B 271 -4.44 -16.93 10.08
CA HIS B 271 -4.65 -16.59 11.49
C HIS B 271 -6.11 -16.15 11.73
N SER B 272 -6.65 -15.35 10.82
CA SER B 272 -8.01 -14.80 10.96
C SER B 272 -9.14 -15.85 10.91
N ILE B 273 -9.08 -16.75 9.93
CA ILE B 273 -10.10 -17.79 9.84
C ILE B 273 -10.06 -18.60 11.16
N ALA B 274 -8.86 -19.00 11.58
CA ALA B 274 -8.69 -19.73 12.83
C ALA B 274 -9.26 -18.96 14.02
N ALA B 275 -8.88 -17.70 14.15
CA ALA B 275 -9.39 -16.91 15.29
C ALA B 275 -10.91 -16.78 15.27
N ALA B 276 -11.43 -16.40 14.12
CA ALA B 276 -12.86 -16.18 13.96
C ALA B 276 -13.72 -17.44 14.04
N LEU B 277 -13.12 -18.64 13.94
CA LEU B 277 -13.91 -19.86 14.00
C LEU B 277 -13.68 -20.71 15.25
N PHE B 278 -12.44 -20.75 15.73
CA PHE B 278 -12.10 -21.56 16.90
C PHE B 278 -12.36 -20.95 18.28
N LEU B 279 -12.64 -19.66 18.34
CA LEU B 279 -12.85 -18.96 19.62
C LEU B 279 -14.20 -18.34 19.85
N PRO B 280 -14.56 -18.15 21.13
CA PRO B 280 -15.86 -17.52 21.37
C PRO B 280 -15.52 -16.14 20.79
N LYS B 281 -16.47 -15.47 20.14
CA LYS B 281 -16.17 -14.19 19.55
C LYS B 281 -15.75 -13.09 20.52
N ASP B 282 -16.16 -13.16 21.79
CA ASP B 282 -15.76 -12.10 22.71
C ASP B 282 -14.30 -12.21 23.09
N LYS B 283 -13.59 -13.17 22.47
CA LYS B 283 -12.17 -13.32 22.74
C LYS B 283 -11.38 -12.51 21.70
N ILE B 284 -12.05 -12.01 20.67
CA ILE B 284 -11.39 -11.20 19.64
C ILE B 284 -11.63 -9.74 20.00
N HIS B 285 -10.58 -8.93 19.91
CA HIS B 285 -10.71 -7.53 20.24
C HIS B 285 -10.06 -6.57 19.23
N TYR B 286 -10.80 -5.53 18.86
CA TYR B 286 -10.31 -4.51 17.94
C TYR B 286 -9.85 -3.29 18.74
N PHE B 287 -8.58 -2.92 18.59
CA PHE B 287 -8.02 -1.78 19.30
C PHE B 287 -8.34 -0.48 18.57
N SER B 288 -9.56 -0.02 18.77
CA SER B 288 -10.04 1.20 18.16
C SER B 288 -9.26 2.41 18.64
N ASP B 289 -8.57 2.25 19.77
CA ASP B 289 -7.80 3.32 20.41
C ASP B 289 -6.31 3.39 20.06
N ILE B 290 -5.82 2.43 19.27
CA ILE B 290 -4.40 2.45 18.92
C ILE B 290 -4.15 2.92 17.47
N GLY B 291 -3.51 4.09 17.35
CA GLY B 291 -3.18 4.66 16.05
C GLY B 291 -2.04 3.86 15.47
N TYR B 292 -2.21 3.44 14.23
CA TYR B 292 -1.22 2.61 13.58
C TYR B 292 -1.23 2.73 12.07
N HIS B 293 -0.06 2.62 11.47
CA HIS B 293 0.03 2.64 10.02
C HIS B 293 0.98 1.57 9.57
N HIS B 294 0.58 0.81 8.55
CA HIS B 294 1.47 -0.14 7.92
C HIS B 294 1.16 0.17 6.47
N PRO B 295 2.15 0.54 5.65
CA PRO B 295 1.86 0.87 4.25
C PRO B 295 0.89 -0.12 3.60
N PRO B 296 -0.18 0.40 2.97
CA PRO B 296 -0.52 1.81 2.84
C PRO B 296 -1.75 2.23 3.64
N TYR B 297 -2.12 1.46 4.68
CA TYR B 297 -3.34 1.79 5.44
C TYR B 297 -3.19 2.24 6.88
N ASP B 298 -4.12 3.11 7.32
CA ASP B 298 -4.12 3.62 8.69
C ASP B 298 -5.30 3.13 9.54
N ASN B 299 -5.08 3.11 10.85
CA ASN B 299 -6.12 2.85 11.81
C ASN B 299 -5.90 4.09 12.65
N CYS B 300 -6.84 5.04 12.59
CA CYS B 300 -6.71 6.28 13.33
C CYS B 300 -7.89 6.43 14.27
N PRO B 301 -7.64 6.45 15.57
CA PRO B 301 -8.69 6.57 16.59
C PRO B 301 -9.71 7.63 16.21
N LEU B 302 -10.97 7.21 16.11
CA LEU B 302 -12.03 8.14 15.75
C LEU B 302 -12.64 8.87 16.95
N ASP B 303 -12.55 8.28 18.15
CA ASP B 303 -13.08 8.92 19.37
C ASP B 303 -12.24 10.17 19.67
N LYS B 304 -12.88 11.32 19.69
CA LYS B 304 -12.21 12.58 19.92
C LYS B 304 -11.32 12.58 21.14
N GLU B 305 -11.88 12.16 22.25
CA GLU B 305 -11.18 12.11 23.53
C GLU B 305 -9.96 11.20 23.47
N VAL B 306 -10.12 9.99 22.92
CA VAL B 306 -8.97 9.09 22.81
C VAL B 306 -7.92 9.75 21.91
N TYR B 307 -8.37 10.28 20.78
CA TYR B 307 -7.47 10.92 19.81
C TYR B 307 -6.67 12.08 20.41
N ASN B 308 -7.35 12.96 21.14
CA ASN B 308 -6.69 14.10 21.75
C ASN B 308 -5.81 13.76 22.92
N SER B 309 -6.35 12.99 23.86
CA SER B 309 -5.64 12.58 25.08
C SER B 309 -4.35 11.84 24.83
N ASN B 310 -4.31 11.07 23.74
CA ASN B 310 -3.12 10.30 23.40
C ASN B 310 -2.27 10.98 22.30
N ASN B 311 -2.57 12.26 22.04
CA ASN B 311 -1.82 13.05 21.07
C ASN B 311 -1.57 12.28 19.77
N CYS B 312 -2.64 11.79 19.16
CA CYS B 312 -2.53 11.04 17.93
C CYS B 312 -2.03 11.95 16.81
N GLU B 313 -1.12 11.42 15.98
CA GLU B 313 -0.52 12.17 14.88
C GLU B 313 -1.08 11.81 13.50
N CYS B 314 -2.16 11.03 13.44
CA CYS B 314 -2.75 10.66 12.14
C CYS B 314 -3.94 11.55 11.76
N ASP B 315 -4.36 11.48 10.50
CA ASP B 315 -5.49 12.26 10.05
C ASP B 315 -6.73 11.39 10.25
N GLN B 316 -7.60 11.75 11.18
CA GLN B 316 -8.79 10.91 11.36
C GLN B 316 -9.48 10.63 10.03
N GLY B 317 -9.49 11.61 9.13
CA GLY B 317 -10.11 11.43 7.83
C GLY B 317 -9.49 10.39 6.93
N ASN B 318 -8.32 9.85 7.28
CA ASN B 318 -7.74 8.81 6.43
C ASN B 318 -7.82 7.47 7.15
N ASP B 319 -8.65 7.39 8.21
CA ASP B 319 -8.84 6.12 8.93
C ASP B 319 -9.41 5.14 7.92
N PHE B 320 -8.81 3.96 7.82
CA PHE B 320 -9.25 2.97 6.85
C PHE B 320 -10.42 2.12 7.37
N THR B 321 -10.53 1.99 8.69
CA THR B 321 -11.53 1.13 9.29
C THR B 321 -12.85 0.95 8.56
N PHE B 322 -13.58 2.02 8.32
CA PHE B 322 -14.85 1.88 7.68
C PHE B 322 -14.92 2.10 6.19
N GLN B 323 -13.78 2.09 5.51
CA GLN B 323 -13.79 2.26 4.05
C GLN B 323 -14.28 0.95 3.45
N GLY B 324 -14.85 1.03 2.24
CA GLY B 324 -15.41 -0.14 1.58
C GLY B 324 -14.58 -1.41 1.57
N TYR B 325 -13.33 -1.27 1.14
CA TYR B 325 -12.38 -2.40 1.03
C TYR B 325 -11.84 -2.92 2.37
N SER B 326 -12.04 -2.14 3.43
CA SER B 326 -11.64 -2.56 4.78
C SER B 326 -12.75 -3.51 5.26
N CYS B 327 -12.56 -4.21 6.37
CA CYS B 327 -13.62 -5.09 6.88
C CYS B 327 -14.06 -4.61 8.27
N GLY B 328 -13.76 -3.36 8.58
CA GLY B 328 -14.18 -2.82 9.88
C GLY B 328 -15.70 -2.92 10.02
N LYS B 329 -16.43 -2.63 8.93
CA LYS B 329 -17.87 -2.72 9.00
C LYS B 329 -18.30 -4.15 9.30
N GLU B 330 -17.72 -5.13 8.59
CA GLU B 330 -18.04 -6.54 8.78
C GLU B 330 -17.73 -6.95 10.23
N TYR B 331 -16.61 -6.45 10.76
CA TYR B 331 -16.23 -6.78 12.13
C TYR B 331 -17.20 -6.19 13.15
N TYR B 332 -17.50 -4.91 13.06
CA TYR B 332 -18.43 -4.32 14.03
C TYR B 332 -19.78 -5.07 14.01
N ASP B 333 -20.28 -5.31 12.81
CA ASP B 333 -21.55 -5.99 12.71
C ASP B 333 -21.53 -7.41 13.26
N ALA B 334 -20.43 -8.14 13.06
CA ALA B 334 -20.34 -9.51 13.56
C ALA B 334 -20.23 -9.53 15.10
N GLN B 335 -19.56 -8.52 15.65
CA GLN B 335 -19.41 -8.42 17.11
C GLN B 335 -20.63 -7.75 17.74
N GLY B 336 -21.40 -7.03 16.95
CA GLY B 336 -22.54 -6.33 17.50
C GLY B 336 -22.13 -4.99 18.10
N LEU B 337 -20.96 -4.48 17.72
CA LEU B 337 -20.49 -3.18 18.24
C LEU B 337 -21.21 -2.07 17.49
N VAL B 338 -21.55 -0.98 18.18
CA VAL B 338 -22.22 0.11 17.52
C VAL B 338 -21.14 0.88 16.80
N LYS B 339 -21.27 1.00 15.49
CA LYS B 339 -20.27 1.72 14.71
C LYS B 339 -20.31 3.21 15.05
N PRO B 340 -19.15 3.88 14.99
CA PRO B 340 -19.18 5.31 15.31
C PRO B 340 -20.19 5.96 14.39
N LYS B 341 -20.81 7.04 14.86
CA LYS B 341 -21.85 7.73 14.10
C LYS B 341 -21.52 8.18 12.69
N ASN B 342 -20.30 8.64 12.46
CA ASN B 342 -19.94 9.11 11.12
C ASN B 342 -19.31 8.04 10.19
N TRP B 343 -19.41 6.75 10.52
CA TRP B 343 -18.78 5.71 9.70
C TRP B 343 -19.08 5.77 8.20
N LYS B 344 -20.30 6.14 7.85
CA LYS B 344 -20.66 6.20 6.44
C LYS B 344 -19.83 7.19 5.62
N LYS B 345 -19.30 8.21 6.26
CA LYS B 345 -18.49 9.18 5.54
C LYS B 345 -17.29 8.51 4.90
N PHE B 346 -16.82 7.44 5.51
CA PHE B 346 -15.66 6.71 5.00
C PHE B 346 -15.97 5.89 3.73
N ARG B 347 -17.26 5.71 3.43
CA ARG B 347 -17.72 4.95 2.24
C ARG B 347 -18.09 5.90 1.09
N GLU B 348 -17.63 7.15 1.18
CA GLU B 348 -17.92 8.15 0.15
C GLU B 348 -16.95 8.15 -1.02
C1 NAG C . -29.52 4.13 -16.37
C2 NAG C . -30.32 3.58 -17.55
C3 NAG C . -31.42 2.65 -17.07
C4 NAG C . -30.87 1.59 -16.11
C5 NAG C . -30.09 2.27 -14.99
C6 NAG C . -29.48 1.29 -14.00
C7 NAG C . -30.59 4.82 -19.57
C8 NAG C . -31.05 6.12 -20.22
N2 NAG C . -30.90 4.67 -18.29
O3 NAG C . -32.01 2.01 -18.20
O4 NAG C . -31.98 0.86 -15.52
O5 NAG C . -29.02 3.05 -15.56
O6 NAG C . -28.86 0.20 -14.68
O7 NAG C . -29.96 3.99 -20.23
C1 NAG C . -31.91 -0.51 -15.64
C2 NAG C . -32.90 -1.16 -14.67
C3 NAG C . -32.85 -2.69 -14.87
C4 NAG C . -33.05 -3.07 -16.33
C5 NAG C . -32.10 -2.27 -17.25
C6 NAG C . -32.44 -2.49 -18.72
C7 NAG C . -33.17 0.10 -12.62
C8 NAG C . -32.66 0.37 -11.21
N2 NAG C . -32.52 -0.83 -13.31
O3 NAG C . -33.85 -3.32 -14.06
O4 NAG C . -32.79 -4.47 -16.50
O5 NAG C . -32.24 -0.85 -17.00
O6 NAG C . -33.49 -1.63 -19.14
O7 NAG C . -34.13 0.74 -13.05
C1 BMA C . -33.85 -5.34 -16.35
C2 BMA C . -33.67 -6.52 -17.30
C3 BMA C . -34.76 -7.57 -17.05
C4 BMA C . -34.85 -7.95 -15.57
C5 BMA C . -34.92 -6.69 -14.68
C6 BMA C . -34.79 -7.06 -13.22
O2 BMA C . -32.39 -7.11 -17.09
O3 BMA C . -34.48 -8.75 -17.85
O4 BMA C . -36.01 -8.74 -15.34
O5 BMA C . -33.83 -5.80 -14.98
O6 BMA C . -35.07 -5.91 -12.40
C1 MAN C . -35.53 -9.16 -18.69
C2 MAN C . -35.31 -10.61 -19.19
C3 MAN C . -34.05 -10.62 -20.03
C4 MAN C . -34.24 -9.67 -21.22
C5 MAN C . -34.57 -8.25 -20.72
C6 MAN C . -34.95 -7.30 -21.84
O2 MAN C . -36.42 -11.02 -20.01
O3 MAN C . -33.81 -11.94 -20.49
O4 MAN C . -33.06 -9.63 -22.01
O5 MAN C . -35.69 -8.29 -19.81
O6 MAN C . -33.89 -7.14 -22.77
C1 MAN C . -37.08 -12.21 -19.66
C2 MAN C . -37.42 -13.01 -20.92
C3 MAN C . -38.47 -12.27 -21.75
C4 MAN C . -39.69 -11.90 -20.90
C5 MAN C . -39.26 -11.17 -19.63
C6 MAN C . -40.41 -10.94 -18.69
O2 MAN C . -37.90 -14.30 -20.58
O3 MAN C . -38.89 -13.11 -22.83
O4 MAN C . -40.56 -11.06 -21.65
O5 MAN C . -38.27 -11.96 -18.92
O6 MAN C . -41.62 -10.75 -19.41
C1 MAN C . -34.85 -6.17 -11.04
C2 MAN C . -35.29 -4.97 -10.18
C3 MAN C . -34.30 -3.80 -10.30
C4 MAN C . -32.86 -4.26 -10.09
C5 MAN C . -32.56 -5.43 -11.02
C6 MAN C . -31.17 -5.98 -10.76
O2 MAN C . -35.37 -5.39 -8.83
O3 MAN C . -34.60 -2.81 -9.29
O4 MAN C . -31.96 -3.20 -10.34
O5 MAN C . -33.49 -6.49 -10.77
O6 MAN C . -31.08 -6.36 -9.38
C1 MAN C . -35.57 -1.87 -9.63
C2 MAN C . -35.46 -0.70 -8.65
C3 MAN C . -35.88 -1.16 -7.24
C4 MAN C . -37.26 -1.79 -7.26
C5 MAN C . -37.25 -2.94 -8.29
C6 MAN C . -38.56 -3.70 -8.45
O2 MAN C . -36.31 0.36 -9.10
O3 MAN C . -35.88 -0.06 -6.35
O4 MAN C . -37.58 -2.28 -5.97
O5 MAN C . -36.89 -2.42 -9.57
O6 MAN C . -39.67 -2.80 -8.52
C1 MAN C . -29.79 -6.73 -8.99
C2 MAN C . -29.79 -6.98 -7.49
C3 MAN C . -30.01 -5.66 -6.75
C4 MAN C . -29.04 -4.56 -7.21
C5 MAN C . -29.05 -4.44 -8.72
C6 MAN C . -27.96 -3.50 -9.22
O2 MAN C . -28.55 -7.57 -7.12
O3 MAN C . -29.91 -5.84 -5.35
O4 MAN C . -29.41 -3.32 -6.63
O5 MAN C . -28.81 -5.74 -9.32
O6 MAN C . -26.67 -4.06 -9.03
C1 NAG D . 5.87 -31.81 -10.41
C2 NAG D . 5.10 -32.98 -11.04
C3 NAG D . 5.45 -33.13 -12.53
C4 NAG D . 5.34 -31.78 -13.26
C5 NAG D . 6.11 -30.70 -12.51
C6 NAG D . 5.95 -29.34 -13.13
C7 NAG D . 4.55 -34.72 -9.48
C8 NAG D . 5.05 -35.00 -8.06
N2 NAG D . 5.42 -34.23 -10.36
O3 NAG D . 4.58 -34.08 -13.12
O4 NAG D . 5.89 -31.93 -14.59
O5 NAG D . 5.63 -30.61 -11.15
O6 NAG D . 4.60 -29.06 -13.42
O7 NAG D . 3.39 -34.94 -9.77
C1 NAG D . 5.03 -31.63 -15.64
C2 NAG D . 5.85 -31.57 -16.95
C3 NAG D . 4.94 -31.47 -18.17
C4 NAG D . 3.88 -32.57 -18.13
C5 NAG D . 3.13 -32.48 -16.80
C6 NAG D . 2.06 -33.53 -16.67
C7 NAG D . 7.99 -30.56 -16.47
C8 NAG D . 8.63 -29.34 -15.85
N2 NAG D . 6.75 -30.43 -16.94
O3 NAG D . 5.72 -31.59 -19.35
O4 NAG D . 2.98 -32.41 -19.21
O5 NAG D . 4.04 -32.67 -15.71
O6 NAG D . 2.22 -34.56 -17.65
O7 NAG D . 8.60 -31.63 -16.53
C1 MMA E . -2.47 2.06 -5.44
C2 MMA E . -3.84 2.78 -5.47
C3 MMA E . -4.80 2.01 -6.47
C4 MMA E . -4.16 1.95 -7.89
C5 MMA E . -2.78 1.19 -7.82
C6 MMA E . -2.03 1.11 -9.17
C7 MMA E . -1.54 -0.16 -4.72
O1 MMA E . -2.67 0.75 -4.88
O2 MMA E . -3.66 4.07 -5.96
O3 MMA E . -6.08 2.70 -6.51
O4 MMA E . -5.03 1.25 -8.82
O5 MMA E . -1.93 1.90 -6.84
O6 MMA E . -1.63 2.39 -9.65
MN MN F . -1.91 8.69 -2.31
CL CL G . 6.10 -8.39 -6.47
CL CL H . -22.91 16.02 -9.98
PB GDP I . -4.32 6.73 -3.49
O1B GDP I . -4.84 5.90 -4.62
O2B GDP I . -2.89 7.18 -3.71
O3B GDP I . -4.53 6.07 -2.12
O3A GDP I . -5.24 8.11 -3.49
PA GDP I . -5.22 9.33 -2.50
O1A GDP I . -3.89 9.64 -1.97
O2A GDP I . -6.30 9.11 -1.48
O5' GDP I . -5.65 10.50 -3.50
C5' GDP I . -4.75 10.93 -4.55
C4' GDP I . -4.50 12.41 -4.35
O4' GDP I . -5.79 13.07 -4.58
C3' GDP I . -4.04 12.81 -2.93
O3' GDP I . -3.13 13.95 -3.17
C2' GDP I . -5.31 13.28 -2.23
O2' GDP I . -5.06 14.20 -1.20
C1' GDP I . -6.18 13.77 -3.41
N9 GDP I . -7.72 13.47 -3.23
C8 GDP I . -8.31 12.24 -3.24
N7 GDP I . -9.63 12.33 -3.08
C5 GDP I . -9.89 13.70 -2.97
C6 GDP I . -11.11 14.38 -2.80
O6 GDP I . -12.24 13.85 -2.72
N1 GDP I . -10.95 15.79 -2.72
C2 GDP I . -9.72 16.42 -2.81
N2 GDP I . -9.69 17.76 -2.72
N3 GDP I . -8.56 15.75 -2.98
C4 GDP I . -8.72 14.41 -3.05
N1 EPE J . 14.42 -8.54 -2.55
C2 EPE J . 13.84 -9.68 -1.73
C3 EPE J . 12.42 -9.97 -2.24
N4 EPE J . 11.56 -8.75 -2.04
C5 EPE J . 12.11 -7.62 -2.85
C6 EPE J . 13.55 -7.30 -2.40
C7 EPE J . 10.17 -8.96 -2.51
C8 EPE J . 9.45 -10.06 -1.74
O8 EPE J . 9.49 -9.84 -0.33
C9 EPE J . 15.80 -8.19 -2.08
C10 EPE J . 16.69 -7.58 -3.18
S EPE J . 18.29 -7.23 -2.44
O1S EPE J . 19.13 -6.66 -3.48
O2S EPE J . 18.81 -8.51 -1.94
O3S EPE J . 18.04 -6.28 -1.38
C1 MMA K . -0.83 -6.04 1.79
C2 MMA K . 0.15 -7.15 1.26
C3 MMA K . -0.63 -8.13 0.31
C4 MMA K . -1.82 -8.79 1.08
C5 MMA K . -2.81 -7.66 1.54
C6 MMA K . -4.02 -8.17 2.34
C7 MMA K . -2.16 -4.13 0.91
O1 MMA K . -1.25 -5.26 0.66
O2 MMA K . 0.58 -7.88 2.37
O3 MMA K . 0.31 -9.15 -0.15
O4 MMA K . -2.53 -9.71 0.22
O5 MMA K . -2.06 -6.70 2.38
O6 MMA K . -3.61 -8.85 3.53
MN MN L . 5.11 -5.10 5.77
CL CL M . -12.16 1.33 -0.29
CL CL N . 14.62 -25.77 0.55
PB GDP O . 4.17 -7.03 3.32
O1B GDP O . 3.18 -7.93 2.69
O2B GDP O . 3.70 -6.48 4.65
O3B GDP O . 4.65 -5.92 2.35
O3A GDP O . 5.48 -7.95 3.64
PA GDP O . 6.87 -7.54 4.21
O1A GDP O . 6.82 -6.30 5.01
O2A GDP O . 7.89 -7.51 3.10
O5' GDP O . 7.16 -8.83 5.16
C5' GDP O . 6.35 -9.11 6.33
C4' GDP O . 7.29 -9.24 7.51
O4' GDP O . 8.15 -10.35 7.19
C3' GDP O . 8.22 -8.01 7.74
O3' GDP O . 8.46 -8.07 9.19
C2' GDP O . 9.48 -8.38 6.98
O2' GDP O . 10.59 -7.69 7.44
C1' GDP O . 9.49 -9.90 7.14
N9 GDP O . 10.16 -10.64 5.92
C8 GDP O . 9.68 -10.67 4.64
N7 GDP O . 10.47 -11.42 3.88
C5 GDP O . 11.48 -11.88 4.72
C6 GDP O . 12.57 -12.72 4.46
O6 GDP O . 12.85 -13.25 3.36
N1 GDP O . 13.38 -12.96 5.60
C2 GDP O . 13.10 -12.39 6.86
N2 GDP O . 13.92 -12.66 7.89
N3 GDP O . 12.05 -11.60 7.09
C4 GDP O . 11.29 -11.39 5.99
N1 EPE P . -13.46 9.63 3.51
C2 EPE P . -13.34 10.20 2.11
C3 EPE P . -13.38 9.04 1.12
N4 EPE P . -12.20 8.13 1.37
C5 EPE P . -12.31 7.56 2.75
C6 EPE P . -12.31 8.69 3.79
C7 EPE P . -12.17 6.97 0.44
C8 EPE P . -12.01 7.39 -1.00
O8 EPE P . -10.94 8.31 -1.22
C9 EPE P . -13.40 10.71 4.55
C10 EPE P . -14.49 10.51 5.64
S EPE P . -14.35 11.86 6.83
O1S EPE P . -15.39 11.64 7.82
O2S EPE P . -14.54 13.12 6.07
O3S EPE P . -13.04 11.74 7.40
#